data_1FIQ
#
_entry.id   1FIQ
#
_cell.length_a   117.831
_cell.length_b   165.403
_cell.length_c   154.447
_cell.angle_alpha   90.00
_cell.angle_beta   90.00
_cell.angle_gamma   90.00
#
_symmetry.space_group_name_H-M   'C 2 2 21'
#
loop_
_entity.id
_entity.type
_entity.pdbx_description
1 polymer 'XANTHINE OXIDASE'
2 polymer 'XANTHINE OXIDASE'
3 polymer 'XANTHINE OXIDASE'
4 non-polymer 'FE2/S2 (INORGANIC) CLUSTER'
5 non-polymer 'FLAVIN-ADENINE DINUCLEOTIDE'
6 non-polymer 'PHOSPHONIC ACIDMONO-(2-AMINO-5,6-DIMERCAPTO-4-OXO-3,7,8A,9,10,10A-HEXAHYDRO-4H-8-OXA-1,3,9,10-TETRAAZA-ANTHRACEN-7-YLMETHYL)ESTER'
7 non-polymer 'DIOXOTHIOMOLYBDENUM(VI) ION'
8 non-polymer '2-HYDROXYBENZOIC ACID'
9 non-polymer GLYCEROL
10 water water
#
loop_
_entity_poly.entity_id
_entity_poly.type
_entity_poly.pdbx_seq_one_letter_code
_entity_poly.pdbx_strand_id
1 'polypeptide(L)'
;MTADELVFFVNGKKVVEKNADPETTLLAYLRRKLGLRGTKLGCGEGGCGACTVMLSKYDRLQDKIIHFSANACLAPICTL
HHVAVTTVEGIGSTKTRLHPVQERIAKSHGSQCGFCTPGIVMSMYTLLRNQPEPTVEEIEDAFQGNLCRCTGYRPILQGF
RTFAKNGGCCGGNGNNPNCCMNQKKDHTVTLSPSLFNPEEFMPLDPTQEPIFPPELLRL
;
A
2 'polypeptide(L)'
;KDVPPKQLRFEGERVTWIQASTLKELLDLKAQHPEAKLVVGNTEIGIEMKFKNQLFPMIICPAWIPELNAVEHGPEGISF
GAACALSSVEKTLLEAVAKLPTQKTEVFRGVLEQLRWFAGKQVKSVASLGGNIITASPISDLNPVFMASGTKLTIVSRGT
RRTVPMDHTFFPSYRKTLLGPEEILLSIEIPYSREDEFFSAFKQASRREDDIAKVTCGMRVLFQPGSMQVKELALCYGGM
ADRTISALKTTQKQLSKFWNEKLLQDVCAGLAEELSLSPDAPGGMIEFRRTLTLSFFFKFYLTVLKKLGKDSKDKCGKLD
PTYTSATLLFQKHPPANIQLFQEVPNGQSK
;
B
3 'polypeptide(L)'
;EDTVGRPLPHLAAAMQASGEAVYCDDIPRYENELFLRLVTSTRAHAKIKSIDVSEAQKVPGFVCFLSADDIPGSNETGLF
NDETVFAKDTVTCVGHIIGAVVADTPEHAERAAHVVKVTYEDLPAIITIEDAIKNNSFYGSELKIEKGDLKKGFSEADNV
VSGELYIGGQDHFYLETHCTIAIPKGEEGEMELFVSTQNAMKTQSFVAKMLGVPVNRILVRVKRMGGGFGGKETRSTLVS
VAVALAAYKTGHPVRCMLDRNEDMLITGGRHPFLARYKVGFMKTGTIVALEVDHYSNAGNSRDLSHSIMERALFHMDNCY
KIPNIRGTGRLCKTNLSSNTAFRGFGGPQALFIAENWMSEVAVTCGLPAEEVRWKNMYKEGDLTHFNQRLEGFSVPRCWD
ECLKSSQYYARKSEVDKFNKENCWKKRGLCIIPTKFGISFTVPFLNQAGALIHVYTDGSVLVSHGGTEMGQGLHTKMVQV
ASKALKIPISKIYISETSTNTVPNSSPTAASVSTDIYGQAVYEACQTILKRLEPFKKKNPDGSWEDWVMAAYQDRVSLST
TGFYRTPNLGYSFETNSGNAFHYFTYGVACSEVEIDCLTGDHKNLRTDIVMDVGSSLNPAIDIGQVEGAFVQGLGLFTLE
ELHYSPEGSLHTRGPSTYKIPAFGSIPTEFRVSLLRDCPNKKAIYASKAVGEPPLFLGASVFFAIKDAIRAARAQHTNNN
TKELFRLDSPATPEKIRNACVDKFTTLCVTGAPGNCKPWSLRV
;
C
#
loop_
_chem_comp.id
_chem_comp.type
_chem_comp.name
_chem_comp.formula
FAD non-polymer 'FLAVIN-ADENINE DINUCLEOTIDE' 'C27 H33 N9 O15 P2'
FES non-polymer 'FE2/S2 (INORGANIC) CLUSTER' 'Fe2 S2'
GOL non-polymer GLYCEROL 'C3 H8 O3'
MOS non-polymer 'DIOXOTHIOMOLYBDENUM(VI) ION' 'H Mo O2 S'
MTE non-polymer 'PHOSPHONIC ACIDMONO-(2-AMINO-5,6-DIMERCAPTO-4-OXO-3,7,8A,9,10,10A-HEXAHYDRO-4H-8-OXA-1,3,9,10-TETRAAZA-ANTHRACEN-7-YLMETHYL)ESTER' 'C10 H14 N5 O6 P S2'
SAL non-polymer '2-HYDROXYBENZOIC ACID' 'C7 H6 O3'
#
# COMPACT_ATOMS: atom_id res chain seq x y z
N THR A 2 -21.59 -39.55 -6.48
CA THR A 2 -20.72 -40.17 -5.45
C THR A 2 -19.54 -39.28 -5.07
N ALA A 3 -19.84 -38.19 -4.37
CA ALA A 3 -18.82 -37.25 -3.91
C ALA A 3 -18.90 -37.12 -2.39
N ASP A 4 -17.73 -37.00 -1.76
CA ASP A 4 -17.66 -36.88 -0.31
C ASP A 4 -18.10 -35.50 0.12
N GLU A 5 -18.78 -35.41 1.25
CA GLU A 5 -19.21 -34.12 1.76
C GLU A 5 -18.02 -33.45 2.42
N LEU A 6 -17.99 -32.11 2.39
CA LEU A 6 -16.93 -31.35 3.03
C LEU A 6 -17.58 -30.83 4.31
N VAL A 7 -16.99 -31.14 5.45
CA VAL A 7 -17.56 -30.69 6.70
C VAL A 7 -16.55 -29.94 7.54
N PHE A 8 -16.92 -28.74 7.96
CA PHE A 8 -16.04 -27.93 8.78
C PHE A 8 -16.88 -26.96 9.60
N PHE A 9 -16.23 -26.13 10.40
CA PHE A 9 -16.96 -25.18 11.23
C PHE A 9 -16.56 -23.73 11.02
N VAL A 10 -17.51 -22.84 11.31
CA VAL A 10 -17.30 -21.40 11.21
C VAL A 10 -18.04 -20.74 12.37
N ASN A 11 -17.27 -20.08 13.24
CA ASN A 11 -17.81 -19.41 14.42
C ASN A 11 -18.64 -20.34 15.30
N GLY A 12 -18.21 -21.59 15.42
CA GLY A 12 -18.90 -22.55 16.27
C GLY A 12 -20.14 -23.19 15.68
N LYS A 13 -20.40 -22.97 14.40
CA LYS A 13 -21.57 -23.56 13.77
C LYS A 13 -21.09 -24.53 12.68
N LYS A 14 -21.67 -25.73 12.66
CA LYS A 14 -21.28 -26.74 11.69
C LYS A 14 -21.74 -26.39 10.28
N VAL A 15 -20.85 -26.56 9.31
CA VAL A 15 -21.15 -26.25 7.93
C VAL A 15 -20.91 -27.48 7.05
N VAL A 16 -21.99 -27.99 6.44
CA VAL A 16 -21.87 -29.15 5.58
C VAL A 16 -22.02 -28.76 4.12
N GLU A 17 -20.93 -28.88 3.36
CA GLU A 17 -20.93 -28.55 1.95
C GLU A 17 -20.93 -29.86 1.16
N LYS A 18 -22.07 -30.20 0.58
CA LYS A 18 -22.18 -31.44 -0.17
C LYS A 18 -21.58 -31.44 -1.56
N ASN A 19 -21.31 -30.26 -2.13
CA ASN A 19 -20.75 -30.17 -3.47
C ASN A 19 -19.53 -29.28 -3.59
N ALA A 20 -18.70 -29.28 -2.55
CA ALA A 20 -17.49 -28.45 -2.54
C ALA A 20 -16.75 -28.41 -3.87
N ASP A 21 -16.38 -27.21 -4.29
CA ASP A 21 -15.65 -27.01 -5.51
C ASP A 21 -14.19 -26.69 -5.16
N PRO A 22 -13.25 -27.56 -5.56
CA PRO A 22 -11.82 -27.40 -5.31
C PRO A 22 -11.27 -25.98 -5.49
N GLU A 23 -11.77 -25.26 -6.48
CA GLU A 23 -11.29 -23.90 -6.76
C GLU A 23 -11.82 -22.82 -5.80
N THR A 24 -12.74 -23.21 -4.92
CA THR A 24 -13.34 -22.27 -3.97
C THR A 24 -12.44 -21.87 -2.79
N THR A 25 -12.16 -20.57 -2.68
CA THR A 25 -11.37 -20.03 -1.57
C THR A 25 -12.26 -19.82 -0.35
N LEU A 26 -11.68 -19.91 0.84
CA LEU A 26 -12.44 -19.71 2.08
C LEU A 26 -13.09 -18.31 2.10
N LEU A 27 -12.38 -17.33 1.58
CA LEU A 27 -12.86 -15.94 1.53
C LEU A 27 -14.18 -15.84 0.78
N ALA A 28 -14.22 -16.39 -0.44
CA ALA A 28 -15.41 -16.35 -1.27
C ALA A 28 -16.53 -17.11 -0.58
N TYR A 29 -16.20 -18.26 -0.01
CA TYR A 29 -17.21 -19.06 0.65
C TYR A 29 -17.81 -18.28 1.82
N LEU A 30 -16.96 -17.65 2.61
CA LEU A 30 -17.42 -16.87 3.75
C LEU A 30 -18.34 -15.72 3.34
N ARG A 31 -17.87 -14.91 2.39
CA ARG A 31 -18.64 -13.77 1.96
C ARG A 31 -19.92 -14.13 1.20
N ARG A 32 -19.80 -14.99 0.20
CA ARG A 32 -20.95 -15.34 -0.62
C ARG A 32 -21.94 -16.40 -0.12
N LYS A 33 -21.44 -17.58 0.23
CA LYS A 33 -22.33 -18.64 0.69
C LYS A 33 -22.82 -18.45 2.12
N LEU A 34 -21.92 -18.07 3.02
CA LEU A 34 -22.27 -17.89 4.42
C LEU A 34 -22.71 -16.46 4.76
N GLY A 35 -22.52 -15.53 3.83
CA GLY A 35 -22.92 -14.16 4.06
C GLY A 35 -22.24 -13.46 5.22
N LEU A 36 -20.97 -13.77 5.45
CA LEU A 36 -20.21 -13.16 6.51
C LEU A 36 -19.21 -12.21 5.85
N ARG A 37 -19.64 -10.99 5.60
CA ARG A 37 -18.79 -10.01 4.94
C ARG A 37 -17.77 -9.31 5.83
N GLY A 38 -17.64 -9.77 7.08
CA GLY A 38 -16.65 -9.15 7.95
C GLY A 38 -15.25 -9.30 7.40
N THR A 39 -14.96 -10.45 6.79
CA THR A 39 -13.64 -10.73 6.20
C THR A 39 -13.58 -10.06 4.83
N LYS A 40 -12.51 -9.30 4.56
CA LYS A 40 -12.41 -8.56 3.29
C LYS A 40 -11.36 -9.05 2.30
N LEU A 41 -11.54 -8.63 1.06
CA LEU A 41 -10.62 -8.92 -0.04
C LEU A 41 -9.83 -7.63 -0.21
N GLY A 42 -8.50 -7.72 -0.08
CA GLY A 42 -7.68 -6.54 -0.23
C GLY A 42 -6.60 -6.68 -1.29
N CYS A 43 -6.33 -7.91 -1.75
CA CYS A 43 -5.28 -8.12 -2.74
C CYS A 43 -5.31 -9.50 -3.42
N GLY A 44 -5.88 -10.49 -2.75
CA GLY A 44 -5.96 -11.82 -3.33
C GLY A 44 -4.63 -12.55 -3.47
N GLU A 45 -3.53 -11.95 -3.02
CA GLU A 45 -2.23 -12.63 -3.11
C GLU A 45 -1.53 -12.89 -1.78
N GLY A 46 -2.21 -12.68 -0.67
CA GLY A 46 -1.61 -12.96 0.63
C GLY A 46 -0.75 -11.92 1.36
N GLY A 47 -0.59 -10.73 0.81
CA GLY A 47 0.25 -9.77 1.50
C GLY A 47 -0.35 -8.68 2.40
N CYS A 48 -1.66 -8.47 2.35
CA CYS A 48 -2.28 -7.40 3.14
C CYS A 48 -3.02 -7.82 4.42
N GLY A 49 -3.43 -9.08 4.47
CA GLY A 49 -4.14 -9.59 5.66
C GLY A 49 -5.58 -9.14 5.86
N ALA A 50 -6.14 -8.38 4.93
CA ALA A 50 -7.53 -7.92 5.09
C ALA A 50 -8.49 -9.09 5.22
N CYS A 51 -8.03 -10.24 4.73
CA CYS A 51 -8.81 -11.48 4.71
C CYS A 51 -8.36 -12.46 5.81
N THR A 52 -7.80 -11.95 6.89
CA THR A 52 -7.32 -12.83 7.93
C THR A 52 -8.39 -13.45 8.80
N VAL A 53 -8.18 -14.72 9.15
CA VAL A 53 -9.09 -15.44 10.02
C VAL A 53 -8.25 -16.36 10.89
N MET A 54 -8.87 -17.00 11.86
CA MET A 54 -8.17 -17.96 12.69
C MET A 54 -8.68 -19.35 12.38
N LEU A 55 -7.74 -20.27 12.16
CA LEU A 55 -8.08 -21.67 11.90
C LEU A 55 -7.65 -22.51 13.11
N SER A 56 -8.49 -23.45 13.51
CA SER A 56 -8.18 -24.32 14.63
C SER A 56 -8.30 -25.76 14.17
N LYS A 57 -7.34 -26.60 14.51
CA LYS A 57 -7.42 -27.99 14.12
C LYS A 57 -6.67 -28.92 15.04
N TYR A 58 -7.38 -29.96 15.49
CA TYR A 58 -6.80 -30.96 16.39
C TYR A 58 -5.62 -31.61 15.68
N ASP A 59 -4.56 -31.90 16.43
CA ASP A 59 -3.37 -32.52 15.87
C ASP A 59 -3.10 -33.87 16.54
N ARG A 60 -3.16 -34.94 15.76
CA ARG A 60 -2.88 -36.28 16.27
C ARG A 60 -1.39 -36.33 16.58
N LEU A 61 -1.01 -35.71 17.68
CA LEU A 61 0.38 -35.64 18.11
C LEU A 61 0.42 -34.82 19.38
N GLN A 62 0.68 -33.53 19.25
CA GLN A 62 0.72 -32.63 20.40
C GLN A 62 -0.59 -32.66 21.18
N ASP A 63 -1.49 -33.54 20.76
CA ASP A 63 -2.80 -33.67 21.38
C ASP A 63 -3.62 -32.39 21.15
N LYS A 64 -3.41 -31.42 22.02
CA LYS A 64 -4.08 -30.12 21.98
C LYS A 64 -4.49 -29.64 20.59
N ILE A 65 -5.55 -28.83 20.54
CA ILE A 65 -6.02 -28.27 19.28
C ILE A 65 -5.22 -26.99 19.13
N ILE A 66 -4.47 -26.87 18.04
CA ILE A 66 -3.68 -25.66 17.84
C ILE A 66 -4.46 -24.55 17.15
N HIS A 67 -4.00 -23.32 17.33
CA HIS A 67 -4.67 -22.17 16.74
C HIS A 67 -3.66 -21.31 15.98
N PHE A 68 -3.99 -20.98 14.74
CA PHE A 68 -3.11 -20.15 13.93
C PHE A 68 -3.93 -19.28 12.99
N SER A 69 -3.35 -18.18 12.53
CA SER A 69 -4.06 -17.28 11.63
C SER A 69 -3.76 -17.69 10.20
N ALA A 70 -4.59 -17.24 9.27
CA ALA A 70 -4.41 -17.58 7.87
C ALA A 70 -5.13 -16.61 6.93
N ASN A 71 -4.63 -16.52 5.70
CA ASN A 71 -5.22 -15.67 4.68
C ASN A 71 -6.30 -16.46 3.95
N ALA A 72 -7.55 -16.11 4.20
CA ALA A 72 -8.66 -16.81 3.58
C ALA A 72 -8.71 -16.64 2.07
N CYS A 73 -8.02 -15.64 1.54
CA CYS A 73 -8.05 -15.43 0.09
C CYS A 73 -7.27 -16.51 -0.64
N LEU A 74 -6.47 -17.27 0.09
CA LEU A 74 -5.67 -18.34 -0.50
C LEU A 74 -5.93 -19.69 0.13
N ALA A 75 -6.89 -19.75 1.03
CA ALA A 75 -7.19 -21.02 1.67
C ALA A 75 -8.33 -21.75 0.97
N PRO A 76 -8.01 -22.89 0.33
CA PRO A 76 -9.02 -23.67 -0.39
C PRO A 76 -9.91 -24.30 0.68
N ILE A 77 -11.23 -24.25 0.51
CA ILE A 77 -12.13 -24.84 1.49
C ILE A 77 -11.91 -26.35 1.59
N CYS A 78 -11.44 -26.96 0.51
CA CYS A 78 -11.21 -28.40 0.50
C CYS A 78 -10.11 -28.86 1.44
N THR A 79 -9.30 -27.91 1.92
CA THR A 79 -8.23 -28.24 2.85
C THR A 79 -8.71 -28.00 4.28
N LEU A 80 -9.99 -27.70 4.43
CA LEU A 80 -10.51 -27.39 5.76
C LEU A 80 -11.43 -28.40 6.37
N HIS A 81 -11.48 -29.60 5.81
CA HIS A 81 -12.34 -30.62 6.36
C HIS A 81 -11.95 -30.82 7.82
N HIS A 82 -12.93 -30.69 8.71
CA HIS A 82 -12.75 -30.84 10.15
C HIS A 82 -11.96 -29.71 10.82
N VAL A 83 -11.78 -28.60 10.11
CA VAL A 83 -11.07 -27.46 10.67
C VAL A 83 -12.12 -26.42 11.09
N ALA A 84 -11.93 -25.80 12.25
CA ALA A 84 -12.86 -24.78 12.72
C ALA A 84 -12.35 -23.40 12.35
N VAL A 85 -13.24 -22.57 11.80
CA VAL A 85 -12.89 -21.20 11.37
C VAL A 85 -13.46 -20.16 12.32
N THR A 86 -12.70 -19.11 12.55
CA THR A 86 -13.16 -18.03 13.41
C THR A 86 -12.93 -16.70 12.68
N THR A 87 -14.02 -16.00 12.39
CA THR A 87 -13.98 -14.72 11.71
C THR A 87 -14.20 -13.63 12.74
N VAL A 88 -14.04 -12.39 12.31
CA VAL A 88 -14.24 -11.25 13.19
C VAL A 88 -15.62 -11.29 13.84
N GLU A 89 -16.65 -11.64 13.08
CA GLU A 89 -17.99 -11.68 13.67
C GLU A 89 -18.13 -12.80 14.67
N GLY A 90 -17.14 -13.67 14.74
CA GLY A 90 -17.19 -14.78 15.67
C GLY A 90 -16.64 -14.48 17.05
N ILE A 91 -16.06 -13.29 17.26
CA ILE A 91 -15.50 -12.99 18.58
C ILE A 91 -16.16 -11.83 19.31
N GLY A 92 -17.16 -11.20 18.70
CA GLY A 92 -17.83 -10.08 19.35
C GLY A 92 -18.48 -9.17 18.34
N SER A 93 -19.41 -8.33 18.79
CA SER A 93 -20.08 -7.40 17.90
C SER A 93 -20.68 -6.24 18.70
N THR A 94 -21.31 -5.29 18.03
CA THR A 94 -21.90 -4.15 18.72
C THR A 94 -23.37 -4.40 19.06
N LYS A 95 -23.93 -5.49 18.52
CA LYS A 95 -25.31 -5.83 18.80
C LYS A 95 -25.33 -6.67 20.08
N THR A 96 -24.13 -7.06 20.52
CA THR A 96 -23.94 -7.85 21.72
C THR A 96 -22.78 -7.25 22.52
N ARG A 97 -21.59 -7.85 22.44
CA ARG A 97 -20.42 -7.32 23.16
C ARG A 97 -19.14 -7.48 22.35
N LEU A 98 -18.34 -6.42 22.33
CA LEU A 98 -17.08 -6.45 21.60
C LEU A 98 -16.04 -7.23 22.37
N HIS A 99 -15.22 -7.96 21.64
CA HIS A 99 -14.15 -8.70 22.26
C HIS A 99 -13.21 -7.57 22.70
N PRO A 100 -12.45 -7.77 23.79
CA PRO A 100 -11.54 -6.71 24.24
C PRO A 100 -10.65 -6.15 23.13
N VAL A 101 -10.23 -7.01 22.21
CA VAL A 101 -9.40 -6.61 21.10
C VAL A 101 -10.10 -5.61 20.18
N GLN A 102 -11.39 -5.83 19.95
CA GLN A 102 -12.17 -4.95 19.09
C GLN A 102 -12.43 -3.64 19.82
N GLU A 103 -12.73 -3.72 21.11
CA GLU A 103 -12.99 -2.51 21.87
C GLU A 103 -11.73 -1.67 21.98
N ARG A 104 -10.60 -2.34 22.18
CA ARG A 104 -9.33 -1.64 22.34
C ARG A 104 -8.90 -0.86 21.09
N ILE A 105 -8.84 -1.53 19.95
CA ILE A 105 -8.43 -0.86 18.73
C ILE A 105 -9.39 0.23 18.34
N ALA A 106 -10.66 0.07 18.70
CA ALA A 106 -11.65 1.10 18.38
C ALA A 106 -11.39 2.36 19.19
N LYS A 107 -11.24 2.21 20.49
CA LYS A 107 -11.03 3.35 21.38
C LYS A 107 -9.64 3.99 21.30
N SER A 108 -8.67 3.28 20.74
CA SER A 108 -7.32 3.80 20.61
C SER A 108 -7.09 4.51 19.29
N HIS A 109 -8.16 4.70 18.51
CA HIS A 109 -8.03 5.38 17.24
C HIS A 109 -7.19 4.60 16.24
N GLY A 110 -7.19 3.28 16.36
CA GLY A 110 -6.44 2.45 15.43
C GLY A 110 -7.23 2.07 14.20
N SER A 111 -8.43 2.63 14.06
CA SER A 111 -9.27 2.32 12.91
C SER A 111 -9.72 3.63 12.26
N GLN A 112 -9.41 3.80 10.97
CA GLN A 112 -9.83 5.02 10.26
C GLN A 112 -10.86 4.64 9.18
N CYS A 113 -10.42 4.36 7.96
CA CYS A 113 -11.41 3.94 6.95
C CYS A 113 -11.97 2.59 7.46
N GLY A 114 -11.17 1.90 8.26
CA GLY A 114 -11.59 0.64 8.85
C GLY A 114 -11.64 -0.64 8.04
N PHE A 115 -11.14 -0.62 6.81
CA PHE A 115 -11.17 -1.83 5.96
C PHE A 115 -10.18 -2.88 6.41
N CYS A 116 -9.07 -2.44 7.00
CA CYS A 116 -8.03 -3.37 7.43
C CYS A 116 -8.26 -3.88 8.85
N THR A 117 -9.19 -3.27 9.56
CA THR A 117 -9.45 -3.60 10.94
C THR A 117 -9.80 -5.05 11.27
N PRO A 118 -10.82 -5.63 10.60
CA PRO A 118 -11.17 -7.02 10.91
C PRO A 118 -9.98 -7.97 10.94
N GLY A 119 -9.12 -7.86 9.92
CA GLY A 119 -7.95 -8.71 9.81
C GLY A 119 -6.92 -8.51 10.92
N ILE A 120 -6.69 -7.26 11.27
CA ILE A 120 -5.73 -6.95 12.33
C ILE A 120 -6.31 -7.45 13.64
N VAL A 121 -7.62 -7.29 13.80
CA VAL A 121 -8.29 -7.76 15.01
C VAL A 121 -8.10 -9.26 15.09
N MET A 122 -8.27 -9.95 13.96
CA MET A 122 -8.11 -11.40 13.97
C MET A 122 -6.64 -11.82 14.21
N SER A 123 -5.67 -11.08 13.69
CA SER A 123 -4.26 -11.43 13.92
C SER A 123 -3.99 -11.33 15.42
N MET A 124 -4.49 -10.27 16.04
CA MET A 124 -4.29 -10.06 17.47
C MET A 124 -5.05 -11.13 18.25
N TYR A 125 -6.31 -11.34 17.89
CA TYR A 125 -7.11 -12.35 18.58
C TYR A 125 -6.37 -13.68 18.61
N THR A 126 -5.77 -14.04 17.48
CA THR A 126 -5.02 -15.28 17.38
C THR A 126 -3.85 -15.28 18.35
N LEU A 127 -3.07 -14.20 18.37
CA LEU A 127 -1.92 -14.10 19.26
C LEU A 127 -2.34 -14.36 20.70
N LEU A 128 -3.34 -13.64 21.16
CA LEU A 128 -3.83 -13.79 22.52
C LEU A 128 -4.31 -15.22 22.80
N ARG A 129 -4.75 -15.90 21.75
CA ARG A 129 -5.25 -17.26 21.88
C ARG A 129 -4.09 -18.21 22.13
N ASN A 130 -2.93 -17.89 21.55
CA ASN A 130 -1.73 -18.70 21.70
C ASN A 130 -0.88 -18.23 22.89
N GLN A 131 -1.10 -16.98 23.31
CA GLN A 131 -0.33 -16.40 24.41
C GLN A 131 -1.11 -15.27 25.07
N PRO A 132 -1.79 -15.55 26.18
CA PRO A 132 -2.59 -14.57 26.93
C PRO A 132 -1.89 -13.23 27.19
N GLU A 133 -0.64 -13.28 27.63
CA GLU A 133 0.13 -12.08 27.90
C GLU A 133 1.44 -12.09 27.14
N PRO A 134 1.43 -11.59 25.90
CA PRO A 134 2.60 -11.52 25.01
C PRO A 134 3.51 -10.31 25.22
N THR A 135 4.67 -10.33 24.56
CA THR A 135 5.61 -9.22 24.66
C THR A 135 5.27 -8.21 23.55
N VAL A 136 5.70 -6.97 23.76
CA VAL A 136 5.44 -5.93 22.78
C VAL A 136 6.02 -6.40 21.44
N GLU A 137 7.12 -7.15 21.50
CA GLU A 137 7.75 -7.68 20.30
C GLU A 137 6.82 -8.68 19.59
N GLU A 138 6.24 -9.59 20.36
CA GLU A 138 5.33 -10.58 19.80
C GLU A 138 4.11 -9.88 19.20
N ILE A 139 3.58 -8.90 19.93
CA ILE A 139 2.44 -8.14 19.44
C ILE A 139 2.78 -7.53 18.09
N GLU A 140 3.92 -6.87 17.99
CA GLU A 140 4.27 -6.26 16.73
C GLU A 140 4.46 -7.29 15.61
N ASP A 141 5.00 -8.47 15.96
CA ASP A 141 5.22 -9.49 14.94
C ASP A 141 3.93 -10.11 14.46
N ALA A 142 2.88 -9.96 15.25
CA ALA A 142 1.59 -10.52 14.89
C ALA A 142 1.05 -9.88 13.61
N PHE A 143 1.54 -8.68 13.30
CA PHE A 143 1.05 -7.96 12.14
C PHE A 143 2.02 -7.84 10.96
N GLN A 144 2.92 -8.82 10.84
CA GLN A 144 3.86 -8.82 9.74
C GLN A 144 3.06 -8.80 8.44
N GLY A 145 2.05 -9.65 8.35
CA GLY A 145 1.25 -9.74 7.15
C GLY A 145 -0.04 -8.94 7.12
N ASN A 146 -0.07 -7.81 7.83
CA ASN A 146 -1.25 -6.95 7.88
C ASN A 146 -0.88 -5.54 7.47
N LEU A 147 -1.60 -4.99 6.49
CA LEU A 147 -1.33 -3.65 6.00
C LEU A 147 -2.50 -2.68 6.25
N CYS A 148 -2.14 -1.45 6.59
CA CYS A 148 -3.10 -0.39 6.83
C CYS A 148 -2.53 0.83 6.13
N ARG A 149 -3.38 1.53 5.39
CA ARG A 149 -2.93 2.68 4.64
C ARG A 149 -3.33 4.00 5.30
N CYS A 150 -4.22 3.90 6.28
CA CYS A 150 -4.75 5.09 6.96
C CYS A 150 -4.09 5.60 8.23
N THR A 151 -3.82 4.70 9.15
CA THR A 151 -3.33 5.08 10.47
C THR A 151 -1.87 5.44 10.70
N GLY A 152 -0.95 4.76 10.03
CA GLY A 152 0.44 5.04 10.27
C GLY A 152 0.90 4.01 11.28
N TYR A 153 -0.02 3.12 11.64
CA TYR A 153 0.25 2.02 12.55
C TYR A 153 0.42 2.35 14.04
N ARG A 154 1.00 3.50 14.34
CA ARG A 154 1.23 3.91 15.72
C ARG A 154 0.10 3.63 16.72
N PRO A 155 -1.12 4.16 16.46
CA PRO A 155 -2.30 4.01 17.31
C PRO A 155 -2.65 2.55 17.59
N ILE A 156 -2.59 1.72 16.56
CA ILE A 156 -2.90 0.31 16.70
C ILE A 156 -1.96 -0.33 17.72
N LEU A 157 -0.65 -0.22 17.50
CA LEU A 157 0.30 -0.80 18.44
C LEU A 157 0.14 -0.29 19.86
N GLN A 158 -0.09 1.01 20.00
CA GLN A 158 -0.27 1.63 21.30
C GLN A 158 -1.48 1.09 22.04
N GLY A 159 -2.55 0.78 21.29
CA GLY A 159 -3.75 0.26 21.90
C GLY A 159 -3.62 -1.19 22.37
N PHE A 160 -2.77 -1.97 21.70
CA PHE A 160 -2.59 -3.35 22.09
C PHE A 160 -1.48 -3.52 23.11
N ARG A 161 -0.88 -2.42 23.54
CA ARG A 161 0.20 -2.50 24.51
C ARG A 161 -0.34 -2.94 25.87
N THR A 162 -1.61 -2.63 26.12
CA THR A 162 -2.24 -2.98 27.38
C THR A 162 -2.30 -4.49 27.62
N PHE A 163 -2.10 -5.28 26.57
CA PHE A 163 -2.13 -6.74 26.65
C PHE A 163 -0.76 -7.36 26.94
N ALA A 164 0.29 -6.56 26.87
CA ALA A 164 1.64 -7.05 27.09
C ALA A 164 2.02 -7.17 28.57
N LYS A 165 3.30 -7.47 28.79
CA LYS A 165 3.88 -7.64 30.12
C LYS A 165 3.53 -9.01 30.67
N PRO B 5 -9.68 -41.46 9.63
CA PRO B 5 -9.24 -40.55 8.56
C PRO B 5 -9.18 -41.25 7.21
N LYS B 6 -10.31 -41.24 6.50
CA LYS B 6 -10.39 -41.89 5.19
C LYS B 6 -10.21 -40.89 4.05
N GLN B 7 -9.78 -41.40 2.90
CA GLN B 7 -9.57 -40.57 1.72
C GLN B 7 -10.84 -39.87 1.27
N LEU B 8 -10.72 -38.58 0.93
CA LEU B 8 -11.87 -37.79 0.46
C LEU B 8 -11.66 -37.33 -1.00
N ARG B 9 -12.75 -37.11 -1.70
CA ARG B 9 -12.72 -36.68 -3.09
C ARG B 9 -13.75 -35.58 -3.30
N PHE B 10 -13.32 -34.49 -3.90
CA PHE B 10 -14.21 -33.35 -4.16
C PHE B 10 -14.21 -33.06 -5.65
N GLU B 11 -15.39 -32.85 -6.22
CA GLU B 11 -15.50 -32.58 -7.64
C GLU B 11 -16.14 -31.24 -7.93
N GLY B 12 -15.44 -30.40 -8.67
CA GLY B 12 -15.95 -29.09 -9.01
C GLY B 12 -16.11 -28.89 -10.50
N GLU B 13 -16.37 -27.65 -10.89
CA GLU B 13 -16.57 -27.31 -12.29
C GLU B 13 -15.45 -27.81 -13.21
N ARG B 14 -14.23 -27.33 -13.00
CA ARG B 14 -13.10 -27.73 -13.84
C ARG B 14 -12.08 -28.64 -13.16
N VAL B 15 -12.07 -28.65 -11.83
CA VAL B 15 -11.08 -29.44 -11.11
C VAL B 15 -11.60 -30.53 -10.19
N THR B 16 -10.77 -31.55 -9.99
CA THR B 16 -11.11 -32.65 -9.09
C THR B 16 -10.02 -32.62 -8.01
N TRP B 17 -10.43 -32.86 -6.78
CA TRP B 17 -9.52 -32.80 -5.65
C TRP B 17 -9.58 -34.07 -4.79
N ILE B 18 -8.42 -34.53 -4.33
CA ILE B 18 -8.36 -35.73 -3.50
C ILE B 18 -7.52 -35.54 -2.22
N GLN B 19 -8.16 -35.76 -1.08
CA GLN B 19 -7.51 -35.65 0.22
C GLN B 19 -6.96 -37.01 0.64
N ALA B 20 -5.71 -37.29 0.27
CA ALA B 20 -5.06 -38.56 0.61
C ALA B 20 -4.84 -38.69 2.10
N SER B 21 -5.34 -39.78 2.69
CA SER B 21 -5.18 -39.99 4.12
C SER B 21 -3.98 -40.88 4.46
N THR B 22 -3.28 -41.36 3.44
CA THR B 22 -2.14 -42.24 3.67
C THR B 22 -1.04 -42.08 2.61
N LEU B 23 0.20 -42.30 3.04
CA LEU B 23 1.34 -42.20 2.13
C LEU B 23 1.23 -43.24 1.02
N LYS B 24 0.55 -44.34 1.29
CA LYS B 24 0.39 -45.39 0.27
C LYS B 24 -0.54 -44.85 -0.78
N GLU B 25 -1.66 -44.27 -0.33
CA GLU B 25 -2.65 -43.70 -1.23
C GLU B 25 -2.00 -42.61 -2.08
N LEU B 26 -1.17 -41.78 -1.44
CA LEU B 26 -0.49 -40.70 -2.14
C LEU B 26 0.44 -41.21 -3.23
N LEU B 27 1.25 -42.20 -2.90
CA LEU B 27 2.18 -42.75 -3.88
C LEU B 27 1.42 -43.39 -5.04
N ASP B 28 0.26 -43.95 -4.75
CA ASP B 28 -0.57 -44.56 -5.79
C ASP B 28 -1.09 -43.49 -6.73
N LEU B 29 -1.76 -42.51 -6.15
CA LEU B 29 -2.34 -41.41 -6.90
C LEU B 29 -1.32 -40.65 -7.75
N LYS B 30 -0.12 -40.46 -7.20
CA LYS B 30 0.92 -39.74 -7.92
C LYS B 30 1.41 -40.60 -9.07
N ALA B 31 1.45 -41.91 -8.84
CA ALA B 31 1.88 -42.86 -9.84
C ALA B 31 0.82 -42.96 -10.92
N GLN B 32 -0.43 -43.12 -10.49
CA GLN B 32 -1.55 -43.23 -11.41
C GLN B 32 -1.74 -41.92 -12.18
N HIS B 33 -1.39 -40.80 -11.55
CA HIS B 33 -1.53 -39.49 -12.17
C HIS B 33 -0.31 -38.59 -11.95
N PRO B 34 0.77 -38.84 -12.69
CA PRO B 34 1.98 -38.05 -12.55
C PRO B 34 1.69 -36.55 -12.59
N GLU B 35 1.01 -36.13 -13.67
CA GLU B 35 0.66 -34.73 -13.90
C GLU B 35 -0.05 -34.03 -12.73
N ALA B 36 -0.75 -34.80 -11.91
CA ALA B 36 -1.48 -34.26 -10.76
C ALA B 36 -0.66 -33.24 -9.96
N LYS B 37 -1.36 -32.35 -9.27
CA LYS B 37 -0.70 -31.31 -8.45
C LYS B 37 -0.94 -31.50 -6.96
N LEU B 38 0.14 -31.47 -6.19
CA LEU B 38 0.01 -31.60 -4.75
C LEU B 38 -0.25 -30.20 -4.22
N VAL B 39 -1.03 -30.11 -3.15
CA VAL B 39 -1.34 -28.82 -2.55
C VAL B 39 -1.39 -28.96 -1.05
N VAL B 40 -0.65 -28.07 -0.38
CA VAL B 40 -0.61 -28.07 1.07
C VAL B 40 -1.18 -26.74 1.56
N GLY B 41 -0.42 -25.66 1.34
CA GLY B 41 -0.86 -24.35 1.75
C GLY B 41 -1.49 -23.56 0.61
N ASN B 42 -1.21 -23.99 -0.62
CA ASN B 42 -1.76 -23.33 -1.80
C ASN B 42 -1.29 -21.89 -1.99
N THR B 43 -0.34 -21.46 -1.17
CA THR B 43 0.15 -20.07 -1.25
C THR B 43 1.00 -19.83 -2.50
N GLU B 44 1.11 -20.86 -3.32
CA GLU B 44 1.85 -20.80 -4.58
C GLU B 44 0.89 -21.14 -5.70
N ILE B 45 0.22 -22.29 -5.57
CA ILE B 45 -0.74 -22.72 -6.59
C ILE B 45 -1.84 -21.68 -6.73
N GLY B 46 -2.47 -21.32 -5.61
CA GLY B 46 -3.53 -20.33 -5.64
C GLY B 46 -3.15 -19.10 -6.44
N ILE B 47 -1.85 -18.80 -6.47
CA ILE B 47 -1.35 -17.65 -7.20
C ILE B 47 -1.29 -17.98 -8.68
N GLU B 48 -0.83 -19.19 -8.99
CA GLU B 48 -0.71 -19.62 -10.37
C GLU B 48 -2.08 -19.66 -11.06
N MET B 49 -3.07 -20.20 -10.36
CA MET B 49 -4.42 -20.31 -10.90
C MET B 49 -5.04 -18.94 -11.09
N LYS B 50 -4.99 -18.12 -10.04
CA LYS B 50 -5.57 -16.79 -10.08
C LYS B 50 -4.89 -15.82 -11.04
N PHE B 51 -3.58 -15.62 -10.85
CA PHE B 51 -2.87 -14.67 -11.69
C PHE B 51 -2.17 -15.23 -12.92
N LYS B 52 -1.87 -16.52 -12.92
CA LYS B 52 -1.19 -17.10 -14.07
C LYS B 52 -2.13 -17.91 -14.94
N ASN B 53 -3.43 -17.82 -14.66
CA ASN B 53 -4.43 -18.54 -15.43
C ASN B 53 -3.92 -19.95 -15.75
N GLN B 54 -3.77 -20.75 -14.71
CA GLN B 54 -3.31 -22.11 -14.82
C GLN B 54 -4.42 -23.04 -14.35
N LEU B 55 -4.67 -24.10 -15.12
CA LEU B 55 -5.70 -25.05 -14.76
C LEU B 55 -5.14 -26.45 -14.57
N PHE B 56 -5.29 -26.96 -13.35
CA PHE B 56 -4.81 -28.31 -13.02
C PHE B 56 -6.03 -29.08 -12.54
N PRO B 57 -6.69 -29.81 -13.47
CA PRO B 57 -7.87 -30.60 -13.12
C PRO B 57 -7.66 -31.66 -12.04
N MET B 58 -6.40 -32.06 -11.84
CA MET B 58 -6.08 -33.07 -10.84
C MET B 58 -5.26 -32.48 -9.69
N ILE B 59 -5.81 -32.55 -8.49
CA ILE B 59 -5.14 -32.04 -7.30
C ILE B 59 -5.22 -33.00 -6.13
N ILE B 60 -4.06 -33.27 -5.51
CA ILE B 60 -3.96 -34.16 -4.35
C ILE B 60 -3.40 -33.38 -3.17
N CYS B 61 -4.05 -33.51 -2.02
CA CYS B 61 -3.61 -32.82 -0.80
C CYS B 61 -3.17 -33.86 0.24
N PRO B 62 -1.87 -33.87 0.60
CA PRO B 62 -1.28 -34.80 1.57
C PRO B 62 -1.19 -34.34 3.03
N ALA B 63 -1.52 -33.09 3.29
CA ALA B 63 -1.45 -32.53 4.63
C ALA B 63 -1.87 -33.44 5.79
N TRP B 64 -2.63 -34.48 5.48
CA TRP B 64 -3.11 -35.41 6.50
C TRP B 64 -2.15 -36.55 6.80
N ILE B 65 -1.33 -36.87 5.81
CA ILE B 65 -0.39 -37.98 5.92
C ILE B 65 0.69 -37.88 6.99
N PRO B 66 0.73 -38.83 7.94
CA PRO B 66 1.77 -38.77 8.96
C PRO B 66 3.00 -38.93 8.09
N GLU B 67 4.15 -38.40 8.48
CA GLU B 67 5.33 -38.42 7.61
C GLU B 67 4.90 -37.24 6.76
N LEU B 68 5.84 -36.48 6.22
CA LEU B 68 5.44 -35.28 5.47
C LEU B 68 4.97 -34.29 6.52
N ASN B 69 4.88 -34.75 7.76
CA ASN B 69 4.46 -33.92 8.90
C ASN B 69 5.22 -34.32 10.17
N ALA B 70 6.06 -35.35 10.07
CA ALA B 70 6.82 -35.84 11.22
C ALA B 70 8.14 -35.07 11.45
N VAL B 71 8.43 -34.80 12.72
CA VAL B 71 9.65 -34.08 13.08
C VAL B 71 10.57 -34.97 13.92
N GLU B 72 11.72 -35.31 13.36
CA GLU B 72 12.69 -36.17 14.04
C GLU B 72 13.98 -35.44 14.40
N HIS B 73 14.54 -35.82 15.56
CA HIS B 73 15.79 -35.24 16.04
C HIS B 73 16.88 -36.29 15.95
N GLY B 74 17.61 -36.28 14.84
CA GLY B 74 18.67 -37.25 14.67
C GLY B 74 20.06 -36.73 14.97
N PRO B 75 21.06 -37.62 14.94
CA PRO B 75 22.47 -37.27 15.19
C PRO B 75 23.15 -36.57 14.02
N GLU B 76 22.36 -36.02 13.12
CA GLU B 76 22.87 -35.31 11.95
C GLU B 76 22.19 -33.96 11.81
N GLY B 77 20.99 -33.88 12.36
CA GLY B 77 20.22 -32.65 12.29
C GLY B 77 18.78 -32.97 12.62
N ILE B 78 17.89 -32.02 12.37
CA ILE B 78 16.47 -32.22 12.63
C ILE B 78 15.73 -32.39 11.31
N SER B 79 14.87 -33.41 11.27
CA SER B 79 14.11 -33.69 10.06
C SER B 79 12.65 -33.28 10.17
N PHE B 80 12.13 -32.66 9.13
CA PHE B 80 10.72 -32.22 9.10
C PHE B 80 10.01 -32.82 7.89
N GLY B 81 8.73 -33.16 8.08
CA GLY B 81 7.97 -33.68 6.96
C GLY B 81 7.86 -32.51 6.00
N ALA B 82 7.94 -32.78 4.70
CA ALA B 82 7.86 -31.71 3.70
C ALA B 82 6.58 -30.87 3.76
N ALA B 83 5.54 -31.38 4.41
CA ALA B 83 4.28 -30.64 4.50
C ALA B 83 4.23 -29.73 5.71
N CYS B 84 5.23 -29.85 6.59
CA CYS B 84 5.29 -29.04 7.79
C CYS B 84 5.23 -27.55 7.46
N ALA B 85 4.50 -26.81 8.29
CA ALA B 85 4.35 -25.38 8.11
C ALA B 85 5.63 -24.67 8.52
N LEU B 86 6.04 -23.67 7.76
CA LEU B 86 7.24 -22.91 8.07
C LEU B 86 7.25 -22.40 9.49
N SER B 87 6.08 -22.09 10.03
CA SER B 87 6.00 -21.61 11.40
C SER B 87 6.42 -22.75 12.32
N SER B 88 6.22 -23.98 11.87
CA SER B 88 6.61 -25.16 12.65
C SER B 88 8.14 -25.21 12.64
N VAL B 89 8.69 -25.17 11.43
CA VAL B 89 10.13 -25.20 11.26
C VAL B 89 10.75 -24.09 12.10
N GLU B 90 10.13 -22.92 12.06
CA GLU B 90 10.62 -21.79 12.81
C GLU B 90 10.60 -22.13 14.30
N LYS B 91 9.47 -22.63 14.79
CA LYS B 91 9.38 -22.98 16.19
C LYS B 91 10.46 -23.96 16.60
N THR B 92 10.41 -25.16 16.01
CA THR B 92 11.38 -26.21 16.31
C THR B 92 12.84 -25.76 16.23
N LEU B 93 13.12 -24.76 15.41
CA LEU B 93 14.47 -24.27 15.30
C LEU B 93 14.80 -23.25 16.37
N LEU B 94 13.78 -22.54 16.86
CA LEU B 94 14.01 -21.56 17.91
C LEU B 94 14.35 -22.29 19.20
N GLU B 95 13.73 -23.43 19.42
CA GLU B 95 13.98 -24.23 20.62
C GLU B 95 15.41 -24.74 20.53
N ALA B 96 15.73 -25.42 19.43
CA ALA B 96 17.06 -25.95 19.23
C ALA B 96 18.11 -24.88 19.52
N VAL B 97 17.98 -23.73 18.87
CA VAL B 97 18.88 -22.61 19.05
C VAL B 97 19.06 -22.22 20.50
N ALA B 98 17.97 -22.29 21.26
CA ALA B 98 17.98 -21.93 22.68
C ALA B 98 18.55 -23.01 23.60
N LYS B 99 18.42 -24.28 23.21
CA LYS B 99 18.91 -25.38 24.04
C LYS B 99 20.27 -25.93 23.64
N LEU B 100 20.51 -26.08 22.34
CA LEU B 100 21.78 -26.62 21.85
C LEU B 100 22.94 -25.63 21.88
N PRO B 101 24.15 -26.14 21.66
CA PRO B 101 25.37 -25.31 21.66
C PRO B 101 25.38 -24.47 20.38
N THR B 102 25.82 -23.23 20.49
CA THR B 102 25.87 -22.33 19.35
C THR B 102 26.59 -22.96 18.16
N GLN B 103 27.62 -23.75 18.44
CA GLN B 103 28.38 -24.36 17.36
C GLN B 103 27.58 -25.40 16.59
N LYS B 104 26.50 -25.89 17.17
CA LYS B 104 25.67 -26.89 16.51
C LYS B 104 24.52 -26.29 15.71
N THR B 105 24.07 -25.10 16.13
CA THR B 105 22.94 -24.41 15.50
C THR B 105 23.29 -23.35 14.44
N GLU B 106 24.41 -23.49 13.74
CA GLU B 106 24.76 -22.49 12.75
C GLU B 106 23.76 -22.40 11.60
N VAL B 107 23.63 -23.47 10.82
CA VAL B 107 22.69 -23.49 9.70
C VAL B 107 21.28 -23.12 10.16
N PHE B 108 20.88 -23.64 11.31
CA PHE B 108 19.55 -23.34 11.85
C PHE B 108 19.35 -21.83 11.94
N ARG B 109 20.38 -21.17 12.45
CA ARG B 109 20.35 -19.72 12.61
C ARG B 109 20.05 -19.06 11.27
N GLY B 110 20.76 -19.51 10.23
CA GLY B 110 20.59 -18.95 8.90
C GLY B 110 19.17 -19.09 8.36
N VAL B 111 18.56 -20.23 8.65
CA VAL B 111 17.21 -20.48 8.20
C VAL B 111 16.23 -19.59 8.95
N LEU B 112 16.51 -19.34 10.22
CA LEU B 112 15.65 -18.48 11.02
C LEU B 112 15.78 -17.04 10.56
N GLU B 113 16.93 -16.71 9.96
CA GLU B 113 17.19 -15.37 9.44
C GLU B 113 16.31 -15.12 8.22
N GLN B 114 16.21 -16.11 7.35
CA GLN B 114 15.41 -15.98 6.14
C GLN B 114 13.91 -15.93 6.46
N LEU B 115 13.51 -16.62 7.52
CA LEU B 115 12.12 -16.66 7.93
C LEU B 115 11.67 -15.39 8.67
N ARG B 116 12.61 -14.50 8.99
CA ARG B 116 12.26 -13.25 9.69
C ARG B 116 11.45 -12.30 8.82
N TRP B 117 12.14 -11.54 7.97
CA TRP B 117 11.50 -10.59 7.06
C TRP B 117 10.90 -11.40 5.93
N PHE B 118 10.07 -12.35 6.32
CA PHE B 118 9.41 -13.29 5.43
C PHE B 118 7.91 -13.16 5.62
N ALA B 119 7.18 -12.94 4.52
CA ALA B 119 5.73 -12.81 4.56
C ALA B 119 5.20 -12.26 5.89
N GLY B 120 4.29 -13.02 6.49
CA GLY B 120 3.70 -12.66 7.77
C GLY B 120 3.26 -13.94 8.45
N LYS B 121 2.70 -13.83 9.65
CA LYS B 121 2.23 -14.99 10.38
C LYS B 121 1.26 -15.84 9.58
N GLN B 122 0.33 -15.20 8.87
CA GLN B 122 -0.67 -15.94 8.08
C GLN B 122 -0.04 -16.89 7.03
N VAL B 123 0.93 -16.39 6.28
CA VAL B 123 1.60 -17.19 5.26
C VAL B 123 2.47 -18.30 5.83
N LYS B 124 3.30 -17.96 6.82
CA LYS B 124 4.16 -18.96 7.43
C LYS B 124 3.42 -20.09 8.13
N SER B 125 2.17 -19.84 8.56
CA SER B 125 1.40 -20.88 9.23
C SER B 125 0.76 -21.89 8.28
N VAL B 126 0.74 -21.61 6.99
CA VAL B 126 0.15 -22.56 6.05
C VAL B 126 1.13 -22.94 4.95
N ALA B 127 2.13 -22.09 4.71
CA ALA B 127 3.14 -22.39 3.69
C ALA B 127 3.99 -23.56 4.19
N SER B 128 3.95 -24.67 3.45
CA SER B 128 4.71 -25.85 3.84
C SER B 128 6.14 -25.75 3.37
N LEU B 129 7.03 -26.41 4.10
CA LEU B 129 8.45 -26.42 3.79
C LEU B 129 8.67 -27.04 2.40
N GLY B 130 8.10 -28.21 2.17
CA GLY B 130 8.26 -28.85 0.88
C GLY B 130 7.75 -27.93 -0.21
N GLY B 131 6.66 -27.25 0.09
CA GLY B 131 6.08 -26.32 -0.87
C GLY B 131 7.10 -25.35 -1.40
N ASN B 132 7.83 -24.68 -0.50
CA ASN B 132 8.83 -23.70 -0.92
C ASN B 132 9.95 -24.30 -1.74
N ILE B 133 10.46 -25.44 -1.30
CA ILE B 133 11.56 -26.09 -2.02
C ILE B 133 11.23 -26.42 -3.48
N ILE B 134 10.19 -27.21 -3.69
CA ILE B 134 9.79 -27.64 -5.03
C ILE B 134 9.32 -26.53 -5.97
N THR B 135 8.70 -25.49 -5.43
CA THR B 135 8.23 -24.40 -6.27
C THR B 135 9.41 -23.90 -7.08
N ALA B 136 10.60 -24.06 -6.51
CA ALA B 136 11.84 -23.67 -7.17
C ALA B 136 11.91 -22.24 -7.70
N SER B 137 11.34 -21.29 -6.98
CA SER B 137 11.40 -19.91 -7.42
C SER B 137 12.85 -19.44 -7.48
N PRO B 138 13.20 -18.60 -8.47
CA PRO B 138 14.57 -18.12 -8.57
C PRO B 138 14.91 -17.26 -7.36
N ILE B 139 13.89 -16.70 -6.73
CA ILE B 139 14.09 -15.85 -5.58
C ILE B 139 13.66 -16.44 -4.26
N SER B 140 13.58 -17.77 -4.19
CA SER B 140 13.24 -18.43 -2.94
C SER B 140 14.36 -18.05 -1.98
N ASP B 141 14.02 -17.78 -0.72
CA ASP B 141 15.04 -17.39 0.24
C ASP B 141 15.57 -18.61 0.96
N LEU B 142 14.82 -19.71 0.88
CA LEU B 142 15.22 -20.93 1.57
C LEU B 142 16.15 -21.87 0.82
N ASN B 143 15.89 -22.09 -0.46
CA ASN B 143 16.73 -22.99 -1.23
C ASN B 143 18.20 -22.60 -1.21
N PRO B 144 18.49 -21.29 -1.27
CA PRO B 144 19.90 -20.88 -1.25
C PRO B 144 20.58 -21.30 0.06
N VAL B 145 19.79 -21.46 1.10
CA VAL B 145 20.28 -21.86 2.41
C VAL B 145 20.28 -23.38 2.53
N PHE B 146 19.37 -24.03 1.83
CA PHE B 146 19.31 -25.48 1.87
C PHE B 146 20.41 -26.08 1.00
N MET B 147 20.77 -25.37 -0.06
CA MET B 147 21.81 -25.84 -0.96
C MET B 147 23.17 -25.56 -0.32
N ALA B 148 23.37 -24.32 0.12
CA ALA B 148 24.63 -23.93 0.74
C ALA B 148 25.05 -24.89 1.83
N SER B 149 24.08 -25.53 2.48
CA SER B 149 24.37 -26.46 3.55
C SER B 149 24.15 -27.92 3.16
N GLY B 150 23.98 -28.19 1.88
CA GLY B 150 23.76 -29.57 1.46
C GLY B 150 22.72 -30.28 2.32
N THR B 151 21.55 -29.66 2.42
CA THR B 151 20.46 -30.22 3.23
C THR B 151 19.96 -31.53 2.66
N LYS B 152 19.53 -32.44 3.54
CA LYS B 152 19.06 -33.76 3.12
C LYS B 152 17.60 -33.87 2.72
N LEU B 153 17.38 -34.21 1.45
CA LEU B 153 16.05 -34.35 0.86
C LEU B 153 15.69 -35.81 0.63
N THR B 154 14.85 -36.34 1.51
CA THR B 154 14.40 -37.72 1.38
C THR B 154 13.20 -37.75 0.42
N ILE B 155 13.48 -38.07 -0.83
CA ILE B 155 12.47 -38.14 -1.89
C ILE B 155 11.84 -39.53 -2.02
N VAL B 156 10.63 -39.60 -2.54
CA VAL B 156 9.92 -40.87 -2.68
C VAL B 156 8.96 -40.94 -3.88
N SER B 157 8.47 -42.15 -4.14
CA SER B 157 7.51 -42.45 -5.20
C SER B 157 7.23 -43.94 -5.02
N ARG B 158 5.95 -44.31 -4.94
CA ARG B 158 5.55 -45.70 -4.73
C ARG B 158 6.62 -46.69 -5.15
N GLY B 159 7.14 -47.44 -4.19
CA GLY B 159 8.17 -48.41 -4.46
C GLY B 159 9.56 -47.90 -4.15
N THR B 160 10.03 -46.92 -4.92
CA THR B 160 11.36 -46.35 -4.73
C THR B 160 11.47 -45.41 -3.53
N ARG B 161 12.70 -45.11 -3.14
CA ARG B 161 12.99 -44.23 -2.01
C ARG B 161 14.48 -43.89 -1.98
N ARG B 162 14.80 -42.59 -1.99
CA ARG B 162 16.18 -42.15 -1.97
C ARG B 162 16.39 -40.84 -1.23
N THR B 163 17.59 -40.66 -0.67
CA THR B 163 17.93 -39.45 0.07
C THR B 163 19.19 -38.84 -0.54
N VAL B 164 19.18 -37.52 -0.75
CA VAL B 164 20.34 -36.85 -1.32
C VAL B 164 20.46 -35.41 -0.82
N PRO B 165 21.68 -34.86 -0.83
CA PRO B 165 21.92 -33.48 -0.38
C PRO B 165 21.66 -32.49 -1.51
N MET B 166 20.94 -31.41 -1.19
CA MET B 166 20.64 -30.42 -2.20
C MET B 166 21.92 -29.82 -2.76
N ASP B 167 21.89 -29.47 -4.03
CA ASP B 167 23.05 -28.88 -4.68
C ASP B 167 22.59 -28.19 -5.95
N HIS B 168 23.54 -27.72 -6.75
CA HIS B 168 23.22 -27.04 -7.98
C HIS B 168 22.47 -27.91 -8.98
N THR B 169 22.57 -29.23 -8.82
CA THR B 169 21.91 -30.16 -9.75
C THR B 169 20.45 -30.41 -9.43
N PHE B 170 20.00 -29.94 -8.28
CA PHE B 170 18.61 -30.16 -7.90
C PHE B 170 17.69 -29.23 -8.70
N PHE B 171 18.23 -28.13 -9.19
CA PHE B 171 17.44 -27.17 -9.95
C PHE B 171 17.95 -27.06 -11.39
N PRO B 172 17.62 -28.07 -12.22
CA PRO B 172 17.97 -28.20 -13.64
C PRO B 172 17.76 -26.94 -14.47
N SER B 173 16.56 -26.38 -14.39
CA SER B 173 16.19 -25.18 -15.13
C SER B 173 15.11 -24.38 -14.40
N TYR B 174 14.69 -23.27 -14.99
CA TYR B 174 13.67 -22.42 -14.40
C TYR B 174 12.41 -23.18 -13.98
N ARG B 175 12.09 -23.10 -12.69
CA ARG B 175 10.91 -23.74 -12.09
C ARG B 175 10.98 -25.25 -12.04
N LYS B 176 11.95 -25.83 -12.72
CA LYS B 176 12.10 -27.26 -12.76
C LYS B 176 13.05 -27.73 -11.66
N THR B 177 12.84 -28.95 -11.19
CA THR B 177 13.69 -29.51 -10.16
C THR B 177 14.10 -30.93 -10.53
N LEU B 178 14.91 -31.53 -9.68
CA LEU B 178 15.38 -32.89 -9.91
C LEU B 178 14.43 -33.90 -9.26
N LEU B 179 13.14 -33.76 -9.54
CA LEU B 179 12.14 -34.67 -9.00
C LEU B 179 11.48 -35.51 -10.08
N GLY B 180 11.30 -36.80 -9.81
CA GLY B 180 10.67 -37.68 -10.77
C GLY B 180 9.25 -37.22 -11.07
N PRO B 181 8.75 -37.46 -12.29
CA PRO B 181 7.39 -37.06 -12.66
C PRO B 181 6.35 -37.66 -11.73
N GLU B 182 6.75 -38.73 -11.05
CA GLU B 182 5.86 -39.43 -10.12
C GLU B 182 6.41 -39.38 -8.71
N GLU B 183 7.51 -38.65 -8.52
CA GLU B 183 8.14 -38.54 -7.22
C GLU B 183 7.62 -37.38 -6.38
N ILE B 184 7.65 -37.59 -5.06
CA ILE B 184 7.20 -36.59 -4.11
C ILE B 184 8.21 -36.47 -2.98
N LEU B 185 8.49 -35.24 -2.57
CA LEU B 185 9.41 -34.98 -1.47
C LEU B 185 8.72 -35.38 -0.18
N LEU B 186 9.34 -36.30 0.57
CA LEU B 186 8.74 -36.77 1.81
C LEU B 186 9.17 -36.02 3.06
N SER B 187 10.45 -35.68 3.12
CA SER B 187 10.96 -35.00 4.30
C SER B 187 12.33 -34.36 4.08
N ILE B 188 12.61 -33.36 4.92
CA ILE B 188 13.87 -32.63 4.84
C ILE B 188 14.57 -32.65 6.21
N GLU B 189 15.90 -32.76 6.18
CA GLU B 189 16.66 -32.77 7.42
C GLU B 189 17.67 -31.64 7.41
N ILE B 190 17.41 -30.61 8.19
CA ILE B 190 18.31 -29.48 8.26
C ILE B 190 19.47 -29.91 9.15
N PRO B 191 20.69 -29.89 8.59
CA PRO B 191 21.96 -30.26 9.21
C PRO B 191 22.48 -29.52 10.44
N TYR B 192 22.89 -30.31 11.42
CA TYR B 192 23.50 -29.79 12.64
C TYR B 192 24.78 -29.16 12.16
N SER B 193 25.24 -28.14 12.86
CA SER B 193 26.46 -27.44 12.49
C SER B 193 27.67 -28.18 13.08
N ARG B 194 28.73 -28.34 12.29
CA ARG B 194 29.92 -29.03 12.79
C ARG B 194 30.95 -28.02 13.30
N GLU B 195 31.86 -28.49 14.13
CA GLU B 195 32.93 -27.64 14.66
C GLU B 195 33.73 -27.10 13.47
N ASP B 196 34.14 -25.83 13.56
CA ASP B 196 34.90 -25.21 12.48
C ASP B 196 34.00 -24.92 11.27
N GLU B 197 32.68 -25.02 11.47
CA GLU B 197 31.72 -24.76 10.40
C GLU B 197 30.85 -23.56 10.76
N PHE B 198 30.88 -22.53 9.91
CA PHE B 198 30.12 -21.30 10.14
C PHE B 198 29.15 -21.02 9.01
N PHE B 199 27.99 -20.47 9.35
CA PHE B 199 26.97 -20.19 8.35
C PHE B 199 26.42 -18.75 8.41
N SER B 200 25.96 -18.26 7.27
CA SER B 200 25.37 -16.94 7.14
C SER B 200 24.35 -16.88 6.02
N ALA B 201 23.31 -16.08 6.19
CA ALA B 201 22.28 -15.93 5.19
C ALA B 201 21.83 -14.47 5.14
N PHE B 202 21.72 -13.93 3.92
CA PHE B 202 21.29 -12.55 3.73
C PHE B 202 20.27 -12.50 2.61
N LYS B 203 19.61 -11.37 2.45
CA LYS B 203 18.65 -11.19 1.36
C LYS B 203 18.33 -9.72 1.14
N GLN B 204 18.20 -9.37 -0.13
CA GLN B 204 17.89 -8.01 -0.57
C GLN B 204 16.72 -7.47 0.23
N ALA B 205 16.81 -6.20 0.61
CA ALA B 205 15.77 -5.54 1.38
C ALA B 205 14.71 -4.93 0.47
N SER B 206 14.34 -5.65 -0.57
CA SER B 206 13.32 -5.18 -1.51
C SER B 206 13.03 -6.22 -2.57
N ARG B 207 11.91 -6.03 -3.26
CA ARG B 207 11.49 -6.93 -4.33
C ARG B 207 10.62 -6.12 -5.30
N ARG B 208 10.99 -6.15 -6.58
CA ARG B 208 10.27 -5.38 -7.59
C ARG B 208 9.67 -6.22 -8.72
N GLU B 209 10.08 -7.48 -8.82
CA GLU B 209 9.56 -8.37 -9.87
C GLU B 209 8.89 -9.58 -9.23
N ASP B 210 8.08 -10.29 -10.02
CA ASP B 210 7.36 -11.46 -9.54
C ASP B 210 8.23 -12.57 -8.97
N ASP B 211 9.33 -12.93 -9.64
CA ASP B 211 10.17 -14.00 -9.10
C ASP B 211 11.60 -14.00 -9.64
N ILE B 212 12.16 -12.81 -9.81
CA ILE B 212 13.52 -12.65 -10.30
C ILE B 212 14.14 -11.32 -9.87
N ALA B 213 15.46 -11.24 -9.93
CA ALA B 213 16.19 -10.04 -9.57
C ALA B 213 16.13 -9.58 -8.11
N LYS B 214 16.08 -10.53 -7.19
CA LYS B 214 16.05 -10.22 -5.76
C LYS B 214 17.14 -11.09 -5.14
N VAL B 215 18.31 -10.51 -4.91
CA VAL B 215 19.44 -11.25 -4.35
C VAL B 215 19.19 -11.84 -2.97
N THR B 216 19.36 -13.14 -2.85
CA THR B 216 19.18 -13.83 -1.59
C THR B 216 20.25 -14.91 -1.57
N CYS B 217 20.87 -15.14 -0.41
CA CYS B 217 21.94 -16.13 -0.37
C CYS B 217 22.12 -16.90 0.93
N GLY B 218 22.87 -18.00 0.82
CA GLY B 218 23.19 -18.85 1.95
C GLY B 218 24.66 -19.20 1.81
N MET B 219 25.45 -18.88 2.82
CA MET B 219 26.90 -19.14 2.78
C MET B 219 27.39 -20.00 3.94
N ARG B 220 28.22 -20.98 3.59
CA ARG B 220 28.77 -21.91 4.56
C ARG B 220 30.27 -22.11 4.35
N VAL B 221 31.00 -22.20 5.45
CA VAL B 221 32.43 -22.40 5.40
C VAL B 221 32.85 -23.40 6.46
N LEU B 222 33.79 -24.26 6.11
CA LEU B 222 34.29 -25.27 7.02
C LEU B 222 35.81 -25.21 7.00
N PHE B 223 36.41 -24.86 8.14
CA PHE B 223 37.86 -24.76 8.22
C PHE B 223 38.50 -26.01 8.79
N GLN B 224 39.81 -26.12 8.59
CA GLN B 224 40.58 -27.24 9.11
C GLN B 224 40.58 -27.04 10.62
N PRO B 225 40.66 -28.14 11.37
CA PRO B 225 40.67 -28.05 12.83
C PRO B 225 41.84 -27.20 13.36
N GLY B 226 41.50 -26.25 14.24
CA GLY B 226 42.51 -25.41 14.84
C GLY B 226 43.30 -24.50 13.92
N SER B 227 42.81 -24.30 12.70
CA SER B 227 43.52 -23.40 11.78
C SER B 227 42.54 -22.53 11.03
N MET B 228 43.08 -21.60 10.25
CA MET B 228 42.25 -20.71 9.48
C MET B 228 42.31 -21.06 7.99
N GLN B 229 42.47 -22.34 7.74
CA GLN B 229 42.54 -22.87 6.39
C GLN B 229 41.18 -23.45 6.00
N VAL B 230 40.71 -23.06 4.81
CA VAL B 230 39.42 -23.49 4.29
C VAL B 230 39.43 -24.94 3.84
N LYS B 231 38.45 -25.70 4.29
CA LYS B 231 38.34 -27.10 3.90
C LYS B 231 37.20 -27.20 2.88
N GLU B 232 36.13 -26.45 3.14
CA GLU B 232 34.96 -26.42 2.26
C GLU B 232 34.38 -25.00 2.22
N LEU B 233 33.83 -24.63 1.07
CA LEU B 233 33.23 -23.32 0.91
C LEU B 233 32.05 -23.39 -0.05
N ALA B 234 30.90 -22.89 0.39
CA ALA B 234 29.68 -22.91 -0.41
C ALA B 234 28.97 -21.56 -0.43
N LEU B 235 28.85 -20.97 -1.61
CA LEU B 235 28.20 -19.68 -1.78
C LEU B 235 27.04 -19.80 -2.77
N CYS B 236 25.87 -20.16 -2.28
CA CYS B 236 24.69 -20.30 -3.13
C CYS B 236 23.84 -19.03 -3.14
N TYR B 237 23.51 -18.54 -4.34
CA TYR B 237 22.70 -17.33 -4.48
C TYR B 237 21.38 -17.54 -5.20
N GLY B 238 20.46 -16.62 -4.94
CA GLY B 238 19.16 -16.62 -5.58
C GLY B 238 19.03 -15.23 -6.17
N GLY B 239 18.01 -14.99 -6.98
CA GLY B 239 17.81 -13.67 -7.57
C GLY B 239 18.92 -13.24 -8.51
N MET B 240 19.79 -14.18 -8.90
CA MET B 240 20.88 -13.86 -9.82
C MET B 240 20.76 -14.63 -11.13
N ALA B 241 19.73 -15.46 -11.24
CA ALA B 241 19.48 -16.24 -12.44
C ALA B 241 18.06 -16.78 -12.40
N ASP B 242 17.68 -17.56 -13.41
CA ASP B 242 16.36 -18.14 -13.48
C ASP B 242 16.22 -19.28 -12.48
N ARG B 243 17.18 -19.34 -11.54
CA ARG B 243 17.17 -20.39 -10.52
C ARG B 243 18.26 -20.18 -9.46
N THR B 244 18.23 -21.05 -8.46
CA THR B 244 19.20 -20.99 -7.37
C THR B 244 20.54 -21.52 -7.88
N ILE B 245 21.55 -20.65 -7.93
CA ILE B 245 22.86 -21.09 -8.40
C ILE B 245 23.93 -21.03 -7.31
N SER B 246 25.08 -21.64 -7.60
CA SER B 246 26.20 -21.66 -6.67
C SER B 246 27.47 -21.20 -7.36
N ALA B 247 28.25 -20.37 -6.67
CA ALA B 247 29.50 -19.87 -7.23
C ALA B 247 30.60 -20.94 -7.12
N LEU B 248 30.24 -22.17 -7.48
CA LEU B 248 31.16 -23.32 -7.41
C LEU B 248 32.57 -23.05 -7.91
N LYS B 249 32.67 -22.41 -9.07
CA LYS B 249 33.97 -22.10 -9.64
C LYS B 249 34.82 -21.32 -8.63
N THR B 250 34.23 -20.26 -8.08
CA THR B 250 34.91 -19.39 -7.12
C THR B 250 35.28 -20.06 -5.79
N THR B 251 34.33 -20.77 -5.18
CA THR B 251 34.60 -21.41 -3.90
C THR B 251 35.60 -22.55 -4.00
N GLN B 252 35.87 -22.99 -5.23
CA GLN B 252 36.81 -24.07 -5.43
C GLN B 252 38.21 -23.49 -5.32
N LYS B 253 38.40 -22.34 -5.99
CA LYS B 253 39.67 -21.64 -5.99
C LYS B 253 40.10 -21.18 -4.59
N GLN B 254 39.33 -21.55 -3.57
CA GLN B 254 39.64 -21.13 -2.21
C GLN B 254 39.81 -22.28 -1.22
N LEU B 255 39.68 -23.51 -1.67
CA LEU B 255 39.85 -24.63 -0.76
C LEU B 255 41.29 -24.65 -0.27
N SER B 256 41.48 -25.14 0.96
CA SER B 256 42.79 -25.21 1.60
C SER B 256 43.50 -23.86 1.59
N LYS B 257 42.72 -22.78 1.44
CA LYS B 257 43.26 -21.42 1.40
C LYS B 257 43.12 -20.78 2.78
N PHE B 258 43.83 -19.68 3.02
CA PHE B 258 43.73 -19.01 4.31
C PHE B 258 42.77 -17.82 4.30
N TRP B 259 41.88 -17.81 5.29
CA TRP B 259 40.88 -16.76 5.43
C TRP B 259 41.48 -15.40 5.81
N ASN B 260 41.76 -14.57 4.80
CA ASN B 260 42.33 -13.24 5.04
C ASN B 260 42.04 -12.24 3.93
N GLU B 261 42.51 -11.01 4.12
CA GLU B 261 42.33 -9.91 3.17
C GLU B 261 42.48 -10.33 1.71
N LYS B 262 43.40 -11.24 1.45
CA LYS B 262 43.63 -11.73 0.10
C LYS B 262 42.40 -12.46 -0.39
N LEU B 263 42.05 -13.54 0.31
CA LEU B 263 40.91 -14.36 -0.03
C LEU B 263 39.64 -13.54 -0.25
N LEU B 264 39.46 -12.49 0.54
CA LEU B 264 38.29 -11.64 0.41
C LEU B 264 38.22 -11.09 -1.01
N GLN B 265 39.28 -10.41 -1.42
CA GLN B 265 39.35 -9.83 -2.76
C GLN B 265 39.35 -10.87 -3.86
N ASP B 266 39.88 -12.05 -3.59
CA ASP B 266 39.91 -13.09 -4.60
C ASP B 266 38.52 -13.66 -4.83
N VAL B 267 37.74 -13.78 -3.76
CA VAL B 267 36.38 -14.30 -3.88
C VAL B 267 35.50 -13.25 -4.53
N CYS B 268 35.77 -11.99 -4.24
CA CYS B 268 35.00 -10.88 -4.82
C CYS B 268 35.22 -10.84 -6.32
N ALA B 269 36.49 -10.89 -6.72
CA ALA B 269 36.80 -10.87 -8.14
C ALA B 269 36.09 -12.07 -8.76
N GLY B 270 36.12 -13.19 -8.05
CA GLY B 270 35.48 -14.41 -8.53
C GLY B 270 33.98 -14.31 -8.73
N LEU B 271 33.32 -13.54 -7.86
CA LEU B 271 31.87 -13.39 -7.96
C LEU B 271 31.51 -12.42 -9.09
N ALA B 272 32.16 -11.26 -9.12
CA ALA B 272 31.90 -10.25 -10.15
C ALA B 272 32.02 -10.80 -11.56
N GLU B 273 32.80 -11.86 -11.72
CA GLU B 273 32.98 -12.47 -13.04
C GLU B 273 32.03 -13.64 -13.22
N GLU B 274 32.16 -14.64 -12.35
CA GLU B 274 31.33 -15.84 -12.42
C GLU B 274 29.83 -15.59 -12.39
N LEU B 275 29.38 -14.66 -11.56
CA LEU B 275 27.95 -14.35 -11.47
C LEU B 275 27.62 -13.06 -12.22
N SER B 276 28.36 -12.80 -13.30
CA SER B 276 28.16 -11.59 -14.09
C SER B 276 26.75 -11.46 -14.66
N LEU B 277 26.31 -10.23 -14.83
CA LEU B 277 24.98 -9.93 -15.37
C LEU B 277 25.08 -9.00 -16.57
N SER B 278 24.48 -9.41 -17.68
CA SER B 278 24.49 -8.61 -18.90
C SER B 278 23.69 -7.33 -18.74
N PRO B 279 23.89 -6.36 -19.65
CA PRO B 279 23.18 -5.09 -19.57
C PRO B 279 21.67 -5.26 -19.81
N ASP B 280 21.30 -6.41 -20.35
CA ASP B 280 19.90 -6.72 -20.64
C ASP B 280 19.40 -7.86 -19.77
N ALA B 281 19.96 -7.98 -18.57
CA ALA B 281 19.56 -9.03 -17.66
C ALA B 281 18.11 -8.83 -17.26
N PRO B 282 17.32 -9.90 -17.28
CA PRO B 282 15.90 -9.83 -16.90
C PRO B 282 15.76 -9.46 -15.43
N GLY B 283 15.19 -8.29 -15.17
CA GLY B 283 15.01 -7.85 -13.80
C GLY B 283 15.65 -6.52 -13.53
N GLY B 284 16.60 -6.14 -14.38
CA GLY B 284 17.28 -4.87 -14.18
C GLY B 284 18.05 -4.81 -12.87
N MET B 285 18.29 -3.61 -12.38
CA MET B 285 19.03 -3.42 -11.13
C MET B 285 20.37 -4.17 -11.19
N ILE B 286 21.04 -4.08 -12.33
CA ILE B 286 22.32 -4.74 -12.54
C ILE B 286 23.40 -4.22 -11.61
N GLU B 287 23.57 -2.91 -11.58
CA GLU B 287 24.57 -2.26 -10.74
C GLU B 287 24.40 -2.64 -9.27
N PHE B 288 23.15 -2.71 -8.83
CA PHE B 288 22.80 -3.04 -7.44
C PHE B 288 22.98 -4.52 -7.12
N ARG B 289 22.55 -5.39 -8.04
CA ARG B 289 22.65 -6.84 -7.81
C ARG B 289 24.06 -7.37 -7.75
N ARG B 290 24.98 -6.77 -8.50
CA ARG B 290 26.36 -7.21 -8.46
C ARG B 290 26.88 -6.80 -7.08
N THR B 291 26.68 -5.53 -6.74
CA THR B 291 27.10 -5.02 -5.45
C THR B 291 26.60 -5.84 -4.26
N LEU B 292 25.37 -6.34 -4.32
CA LEU B 292 24.87 -7.11 -3.19
C LEU B 292 25.60 -8.44 -3.05
N THR B 293 25.79 -9.13 -4.17
CA THR B 293 26.48 -10.41 -4.16
C THR B 293 27.84 -10.26 -3.49
N LEU B 294 28.59 -9.24 -3.87
CA LEU B 294 29.90 -8.98 -3.29
C LEU B 294 29.75 -8.54 -1.85
N SER B 295 28.84 -7.61 -1.61
CA SER B 295 28.60 -7.08 -0.27
C SER B 295 28.13 -8.09 0.76
N PHE B 296 27.31 -9.05 0.35
CA PHE B 296 26.82 -10.05 1.30
C PHE B 296 27.98 -10.95 1.74
N PHE B 297 28.82 -11.34 0.80
CA PHE B 297 29.96 -12.18 1.15
C PHE B 297 30.87 -11.43 2.11
N PHE B 298 31.07 -10.14 1.84
CA PHE B 298 31.91 -9.31 2.70
C PHE B 298 31.47 -9.44 4.15
N LYS B 299 30.17 -9.43 4.38
CA LYS B 299 29.64 -9.58 5.73
C LYS B 299 29.95 -10.98 6.21
N PHE B 300 29.80 -11.96 5.33
CA PHE B 300 30.08 -13.34 5.68
C PHE B 300 31.52 -13.37 6.15
N TYR B 301 32.39 -12.81 5.32
CA TYR B 301 33.82 -12.72 5.61
C TYR B 301 34.03 -12.17 7.01
N LEU B 302 33.62 -10.92 7.22
CA LEU B 302 33.76 -10.27 8.52
C LEU B 302 33.23 -11.11 9.68
N THR B 303 32.03 -11.64 9.52
CA THR B 303 31.41 -12.45 10.57
C THR B 303 32.22 -13.70 10.87
N VAL B 304 32.90 -14.23 9.85
CA VAL B 304 33.70 -15.44 10.03
C VAL B 304 34.96 -15.15 10.83
N LEU B 305 35.60 -14.02 10.53
CA LEU B 305 36.80 -13.64 11.24
C LEU B 305 36.44 -13.56 12.72
N LYS B 306 35.25 -13.09 13.03
CA LYS B 306 34.82 -13.00 14.41
C LYS B 306 34.72 -14.42 14.97
N LYS B 307 33.91 -15.25 14.32
CA LYS B 307 33.70 -16.63 14.74
C LYS B 307 35.01 -17.40 14.81
N LEU B 308 35.96 -17.05 13.95
CA LEU B 308 37.25 -17.71 13.96
C LEU B 308 38.02 -17.31 15.21
N GLY B 309 38.13 -16.00 15.42
CA GLY B 309 38.86 -15.48 16.57
C GLY B 309 38.28 -15.90 17.91
N ASP C 2 -21.09 19.80 24.49
CA ASP C 2 -20.14 20.27 23.44
C ASP C 2 -18.91 19.37 23.42
N THR C 3 -18.73 18.63 22.33
CA THR C 3 -17.59 17.72 22.19
C THR C 3 -16.52 18.28 21.27
N VAL C 4 -16.72 19.48 20.73
CA VAL C 4 -15.72 20.08 19.85
C VAL C 4 -14.43 20.29 20.64
N GLY C 5 -13.31 19.85 20.07
CA GLY C 5 -12.03 19.99 20.72
C GLY C 5 -11.69 18.79 21.59
N ARG C 6 -12.55 17.79 21.59
CA ARG C 6 -12.33 16.58 22.37
C ARG C 6 -12.01 15.40 21.45
N PRO C 7 -11.16 14.48 21.90
CA PRO C 7 -10.75 13.30 21.13
C PRO C 7 -11.80 12.21 21.04
N LEU C 8 -12.91 12.52 20.39
CA LEU C 8 -14.00 11.56 20.21
C LEU C 8 -13.58 10.58 19.12
N PRO C 9 -13.56 9.28 19.42
CA PRO C 9 -13.15 8.34 18.36
C PRO C 9 -14.15 8.24 17.21
N HIS C 10 -13.61 7.95 16.02
CA HIS C 10 -14.40 7.80 14.79
C HIS C 10 -15.72 7.08 15.13
N LEU C 11 -16.84 7.73 14.84
CA LEU C 11 -18.15 7.17 15.13
C LEU C 11 -18.41 5.73 14.68
N ALA C 12 -17.68 5.28 13.65
CA ALA C 12 -17.87 3.93 13.11
C ALA C 12 -16.77 2.95 13.46
N ALA C 13 -15.81 3.41 14.26
CA ALA C 13 -14.67 2.58 14.63
C ALA C 13 -15.05 1.26 15.28
N ALA C 14 -16.10 1.28 16.10
CA ALA C 14 -16.53 0.07 16.78
C ALA C 14 -17.03 -0.94 15.74
N MET C 15 -17.87 -0.48 14.83
CA MET C 15 -18.42 -1.37 13.81
C MET C 15 -17.41 -1.79 12.77
N GLN C 16 -16.34 -1.01 12.60
CA GLN C 16 -15.33 -1.40 11.64
C GLN C 16 -14.46 -2.48 12.27
N ALA C 17 -14.36 -2.45 13.60
CA ALA C 17 -13.58 -3.43 14.34
C ALA C 17 -14.34 -4.76 14.45
N SER C 18 -15.66 -4.71 14.34
CA SER C 18 -16.48 -5.90 14.43
C SER C 18 -16.85 -6.47 13.06
N GLY C 19 -16.61 -5.70 12.02
CA GLY C 19 -16.96 -6.15 10.68
C GLY C 19 -18.41 -5.90 10.36
N GLU C 20 -19.09 -5.07 11.15
CA GLU C 20 -20.49 -4.78 10.90
C GLU C 20 -20.63 -3.59 9.95
N ALA C 21 -19.60 -2.74 9.89
CA ALA C 21 -19.61 -1.59 8.99
C ALA C 21 -19.73 -2.15 7.58
N VAL C 22 -20.68 -1.66 6.81
CA VAL C 22 -20.87 -2.17 5.46
C VAL C 22 -20.18 -1.33 4.42
N TYR C 23 -19.38 -2.00 3.60
CA TYR C 23 -18.71 -1.32 2.50
C TYR C 23 -19.48 -1.72 1.25
N CYS C 24 -19.22 -1.04 0.14
CA CYS C 24 -19.93 -1.32 -1.08
C CYS C 24 -20.15 -2.80 -1.43
N ASP C 25 -19.07 -3.59 -1.49
CA ASP C 25 -19.25 -5.00 -1.85
C ASP C 25 -19.85 -5.89 -0.77
N ASP C 26 -20.01 -5.36 0.44
CA ASP C 26 -20.59 -6.13 1.55
C ASP C 26 -22.11 -6.10 1.48
N ILE C 27 -22.66 -5.26 0.60
CA ILE C 27 -24.09 -5.18 0.45
C ILE C 27 -24.54 -6.50 -0.18
N PRO C 28 -25.61 -7.09 0.34
CA PRO C 28 -26.07 -8.36 -0.24
C PRO C 28 -26.43 -8.22 -1.71
N ARG C 29 -26.21 -9.30 -2.48
CA ARG C 29 -26.55 -9.29 -3.91
C ARG C 29 -28.04 -9.65 -4.06
N TYR C 30 -28.68 -9.13 -5.11
CA TYR C 30 -30.07 -9.47 -5.36
C TYR C 30 -30.07 -10.89 -5.91
N GLU C 31 -31.20 -11.57 -5.86
CA GLU C 31 -31.27 -12.95 -6.37
C GLU C 31 -30.84 -13.01 -7.84
N ASN C 32 -31.00 -11.89 -8.55
CA ASN C 32 -30.68 -11.81 -9.97
C ASN C 32 -29.49 -10.92 -10.30
N GLU C 33 -28.74 -10.50 -9.30
CA GLU C 33 -27.59 -9.63 -9.55
C GLU C 33 -26.52 -10.38 -10.34
N LEU C 34 -25.99 -9.73 -11.38
CA LEU C 34 -24.96 -10.31 -12.24
C LEU C 34 -23.58 -9.69 -11.97
N PHE C 35 -22.55 -10.19 -12.63
CA PHE C 35 -21.21 -9.66 -12.40
C PHE C 35 -20.48 -9.23 -13.66
N LEU C 36 -19.68 -8.17 -13.52
CA LEU C 36 -18.92 -7.65 -14.65
C LEU C 36 -17.41 -7.68 -14.42
N ARG C 37 -16.69 -7.91 -15.50
CA ARG C 37 -15.24 -7.98 -15.51
C ARG C 37 -14.76 -7.17 -16.72
N LEU C 38 -14.00 -6.11 -16.46
CA LEU C 38 -13.50 -5.25 -17.53
C LEU C 38 -12.49 -5.95 -18.42
N VAL C 39 -12.61 -5.74 -19.73
CA VAL C 39 -11.68 -6.30 -20.70
C VAL C 39 -10.76 -5.16 -21.06
N THR C 40 -9.49 -5.37 -20.72
CA THR C 40 -8.42 -4.39 -20.88
C THR C 40 -7.43 -4.65 -22.02
N SER C 41 -6.82 -3.57 -22.50
CA SER C 41 -5.84 -3.66 -23.57
C SER C 41 -4.55 -4.30 -23.07
N THR C 42 -3.81 -4.95 -23.97
CA THR C 42 -2.55 -5.56 -23.57
C THR C 42 -1.41 -4.88 -24.33
N ARG C 43 -1.75 -3.76 -24.97
CA ARG C 43 -0.78 -2.97 -25.73
C ARG C 43 -0.91 -1.54 -25.24
N ALA C 44 0.15 -0.75 -25.42
CA ALA C 44 0.14 0.65 -25.00
C ALA C 44 -0.46 1.57 -26.05
N HIS C 45 -0.28 1.22 -27.32
CA HIS C 45 -0.81 2.03 -28.41
C HIS C 45 -0.93 1.15 -29.65
N ALA C 46 -2.15 0.96 -30.13
CA ALA C 46 -2.36 0.12 -31.30
C ALA C 46 -3.68 0.38 -31.99
N LYS C 47 -4.09 -0.58 -32.82
CA LYS C 47 -5.34 -0.50 -33.55
C LYS C 47 -6.08 -1.79 -33.28
N ILE C 48 -7.36 -1.68 -32.96
CA ILE C 48 -8.16 -2.87 -32.69
C ILE C 48 -8.65 -3.45 -34.01
N LYS C 49 -7.86 -4.34 -34.58
CA LYS C 49 -8.20 -4.98 -35.84
C LYS C 49 -9.51 -5.72 -35.66
N SER C 50 -9.71 -6.29 -34.47
CA SER C 50 -10.93 -7.04 -34.20
C SER C 50 -11.03 -7.51 -32.75
N ILE C 51 -12.18 -8.10 -32.42
CA ILE C 51 -12.45 -8.61 -31.09
C ILE C 51 -13.27 -9.89 -31.24
N ASP C 52 -12.70 -11.01 -30.81
CA ASP C 52 -13.40 -12.29 -30.92
C ASP C 52 -13.82 -12.84 -29.55
N VAL C 53 -15.10 -13.11 -29.39
CA VAL C 53 -15.58 -13.65 -28.12
C VAL C 53 -16.12 -15.08 -28.26
N SER C 54 -15.75 -15.74 -29.35
CA SER C 54 -16.19 -17.12 -29.61
C SER C 54 -15.97 -18.00 -28.39
N GLU C 55 -14.78 -17.93 -27.81
CA GLU C 55 -14.45 -18.74 -26.66
C GLU C 55 -15.17 -18.25 -25.40
N ALA C 56 -15.16 -16.93 -25.20
CA ALA C 56 -15.81 -16.34 -24.04
C ALA C 56 -17.26 -16.81 -23.95
N GLN C 57 -17.95 -16.78 -25.09
CA GLN C 57 -19.35 -17.19 -25.15
C GLN C 57 -19.60 -18.61 -24.70
N LYS C 58 -18.54 -19.42 -24.64
CA LYS C 58 -18.68 -20.81 -24.22
C LYS C 58 -18.62 -21.01 -22.71
N VAL C 59 -18.02 -20.06 -21.99
CA VAL C 59 -17.90 -20.17 -20.54
C VAL C 59 -19.25 -20.22 -19.82
N PRO C 60 -19.46 -21.24 -18.97
CA PRO C 60 -20.72 -21.37 -18.22
C PRO C 60 -21.08 -20.06 -17.55
N GLY C 61 -22.36 -19.72 -17.57
CA GLY C 61 -22.80 -18.49 -16.94
C GLY C 61 -22.55 -17.22 -17.73
N PHE C 62 -21.99 -17.35 -18.93
CA PHE C 62 -21.74 -16.16 -19.73
C PHE C 62 -23.08 -15.48 -20.02
N VAL C 63 -23.07 -14.15 -20.10
CA VAL C 63 -24.29 -13.42 -20.37
C VAL C 63 -24.14 -12.58 -21.63
N CYS C 64 -23.11 -11.75 -21.67
CA CYS C 64 -22.92 -10.89 -22.84
C CYS C 64 -21.60 -10.15 -22.76
N PHE C 65 -21.22 -9.53 -23.87
CA PHE C 65 -20.01 -8.74 -23.95
C PHE C 65 -20.44 -7.32 -24.27
N LEU C 66 -19.87 -6.35 -23.59
CA LEU C 66 -20.24 -4.97 -23.83
C LEU C 66 -19.16 -4.22 -24.58
N SER C 67 -19.58 -3.55 -25.67
CA SER C 67 -18.69 -2.78 -26.53
C SER C 67 -19.19 -1.35 -26.60
N ALA C 68 -18.50 -0.52 -27.37
CA ALA C 68 -18.89 0.87 -27.52
C ALA C 68 -20.22 0.97 -28.25
N ASP C 69 -20.58 -0.10 -28.95
CA ASP C 69 -21.82 -0.12 -29.71
C ASP C 69 -23.06 -0.35 -28.85
N ASP C 70 -22.86 -0.89 -27.65
CA ASP C 70 -23.96 -1.16 -26.74
C ASP C 70 -24.42 0.13 -26.06
N ILE C 71 -23.55 1.13 -26.07
CA ILE C 71 -23.84 2.41 -25.43
C ILE C 71 -24.99 3.18 -26.10
N PRO C 72 -26.08 3.39 -25.35
CA PRO C 72 -27.27 4.10 -25.82
C PRO C 72 -27.09 5.60 -25.92
N GLY C 73 -26.28 6.16 -25.02
CA GLY C 73 -26.05 7.59 -25.05
C GLY C 73 -24.76 7.95 -25.75
N SER C 74 -23.83 8.55 -25.00
CA SER C 74 -22.55 8.93 -25.55
C SER C 74 -21.41 8.05 -25.06
N ASN C 75 -20.40 7.85 -25.91
CA ASN C 75 -19.25 7.06 -25.54
C ASN C 75 -18.12 8.02 -25.24
N GLU C 76 -18.46 9.29 -25.05
CA GLU C 76 -17.50 10.31 -24.73
C GLU C 76 -17.65 10.65 -23.24
N THR C 77 -16.54 10.56 -22.51
CA THR C 77 -16.55 10.81 -21.07
C THR C 77 -15.22 11.44 -20.61
N GLY C 78 -15.06 11.58 -19.30
CA GLY C 78 -13.85 12.16 -18.77
C GLY C 78 -14.06 13.58 -18.27
N LEU C 79 -13.28 13.99 -17.29
CA LEU C 79 -13.42 15.32 -16.74
C LEU C 79 -13.37 16.41 -17.82
N PHE C 80 -12.80 16.09 -18.97
CA PHE C 80 -12.72 17.03 -20.07
C PHE C 80 -13.15 16.39 -21.39
N ASN C 81 -14.17 15.54 -21.31
CA ASN C 81 -14.73 14.84 -22.46
C ASN C 81 -13.72 14.37 -23.49
N ASP C 82 -12.57 13.90 -23.03
CA ASP C 82 -11.53 13.43 -23.93
C ASP C 82 -11.24 11.95 -23.78
N GLU C 83 -12.21 11.20 -23.26
CA GLU C 83 -12.02 9.77 -23.05
C GLU C 83 -13.15 8.95 -23.66
N THR C 84 -13.01 7.64 -23.53
CA THR C 84 -14.03 6.73 -24.03
C THR C 84 -14.47 5.79 -22.92
N VAL C 85 -15.78 5.59 -22.81
CA VAL C 85 -16.31 4.69 -21.82
C VAL C 85 -15.78 3.33 -22.23
N PHE C 86 -15.74 3.12 -23.54
CA PHE C 86 -15.22 1.89 -24.10
C PHE C 86 -14.40 2.28 -25.33
N ALA C 87 -13.21 1.71 -25.44
CA ALA C 87 -12.33 2.02 -26.57
C ALA C 87 -12.99 1.56 -27.87
N LYS C 88 -12.87 2.35 -28.94
CA LYS C 88 -13.49 1.94 -30.19
C LYS C 88 -12.55 1.48 -31.30
N ASP C 89 -11.63 2.34 -31.73
CA ASP C 89 -10.73 1.98 -32.81
C ASP C 89 -9.30 1.73 -32.36
N THR C 90 -8.84 2.52 -31.40
CA THR C 90 -7.49 2.37 -30.89
C THR C 90 -7.47 2.40 -29.37
N VAL C 91 -6.36 1.92 -28.81
CA VAL C 91 -6.17 1.90 -27.37
C VAL C 91 -4.94 2.75 -27.13
N THR C 92 -5.03 3.67 -26.17
CA THR C 92 -3.94 4.58 -25.88
C THR C 92 -3.12 4.29 -24.63
N CYS C 93 -3.30 3.09 -24.07
CA CYS C 93 -2.53 2.65 -22.89
C CYS C 93 -2.85 1.18 -22.65
N VAL C 94 -1.98 0.51 -21.91
CA VAL C 94 -2.16 -0.92 -21.63
C VAL C 94 -3.49 -1.25 -20.97
N GLY C 95 -3.75 -0.66 -19.82
CA GLY C 95 -5.00 -0.95 -19.14
C GLY C 95 -6.24 -0.27 -19.69
N HIS C 96 -6.21 0.09 -20.96
CA HIS C 96 -7.34 0.78 -21.59
C HIS C 96 -8.53 -0.18 -21.64
N ILE C 97 -9.69 0.31 -21.22
CA ILE C 97 -10.89 -0.53 -21.22
C ILE C 97 -11.49 -0.67 -22.62
N ILE C 98 -11.52 -1.90 -23.12
CA ILE C 98 -12.04 -2.18 -24.45
C ILE C 98 -13.49 -2.63 -24.37
N GLY C 99 -13.82 -3.33 -23.29
CA GLY C 99 -15.18 -3.82 -23.09
C GLY C 99 -15.29 -4.43 -21.70
N ALA C 100 -16.33 -5.23 -21.51
CA ALA C 100 -16.54 -5.89 -20.23
C ALA C 100 -17.46 -7.07 -20.45
N VAL C 101 -17.23 -8.14 -19.70
CA VAL C 101 -18.05 -9.33 -19.80
C VAL C 101 -18.95 -9.40 -18.60
N VAL C 102 -20.21 -9.77 -18.81
CA VAL C 102 -21.18 -9.90 -17.74
C VAL C 102 -21.51 -11.38 -17.62
N ALA C 103 -21.43 -11.92 -16.40
CA ALA C 103 -21.74 -13.34 -16.18
C ALA C 103 -22.47 -13.51 -14.86
N ASP C 104 -22.96 -14.72 -14.61
CA ASP C 104 -23.69 -15.00 -13.38
C ASP C 104 -22.85 -15.05 -12.11
N THR C 105 -21.54 -15.27 -12.24
CA THR C 105 -20.66 -15.31 -11.08
C THR C 105 -19.39 -14.55 -11.43
N PRO C 106 -18.73 -13.98 -10.42
CA PRO C 106 -17.50 -13.21 -10.63
C PRO C 106 -16.45 -14.08 -11.33
N GLU C 107 -16.44 -15.37 -10.97
CA GLU C 107 -15.52 -16.33 -11.55
C GLU C 107 -15.74 -16.44 -13.05
N HIS C 108 -16.98 -16.72 -13.43
CA HIS C 108 -17.33 -16.87 -14.83
C HIS C 108 -17.03 -15.64 -15.66
N ALA C 109 -17.22 -14.47 -15.06
CA ALA C 109 -16.95 -13.22 -15.75
C ALA C 109 -15.44 -13.00 -15.91
N GLU C 110 -14.66 -13.57 -14.99
CA GLU C 110 -13.21 -13.43 -15.04
C GLU C 110 -12.62 -14.41 -16.04
N ARG C 111 -13.06 -15.66 -15.99
CA ARG C 111 -12.56 -16.68 -16.92
C ARG C 111 -12.92 -16.25 -18.34
N ALA C 112 -14.19 -15.86 -18.53
CA ALA C 112 -14.66 -15.43 -19.84
C ALA C 112 -13.92 -14.20 -20.35
N ALA C 113 -13.75 -13.21 -19.48
CA ALA C 113 -13.07 -11.99 -19.87
C ALA C 113 -11.65 -12.31 -20.30
N HIS C 114 -11.07 -13.30 -19.64
CA HIS C 114 -9.71 -13.75 -19.90
C HIS C 114 -9.51 -14.30 -21.32
N VAL C 115 -10.51 -15.04 -21.79
CA VAL C 115 -10.46 -15.66 -23.10
C VAL C 115 -10.94 -14.78 -24.26
N VAL C 116 -11.18 -13.50 -24.00
CA VAL C 116 -11.63 -12.61 -25.07
C VAL C 116 -10.43 -12.24 -25.94
N LYS C 117 -10.41 -12.76 -27.17
CA LYS C 117 -9.33 -12.51 -28.10
C LYS C 117 -9.45 -11.17 -28.80
N VAL C 118 -8.41 -10.34 -28.66
CA VAL C 118 -8.39 -9.04 -29.32
C VAL C 118 -7.20 -9.01 -30.27
N THR C 119 -7.40 -8.43 -31.44
CA THR C 119 -6.34 -8.34 -32.43
C THR C 119 -5.88 -6.90 -32.53
N TYR C 120 -4.58 -6.68 -32.35
CA TYR C 120 -4.01 -5.34 -32.40
C TYR C 120 -3.05 -5.15 -33.56
N GLU C 121 -2.75 -3.88 -33.81
CA GLU C 121 -1.81 -3.45 -34.83
C GLU C 121 -1.11 -2.29 -34.12
N ASP C 122 0.03 -2.59 -33.50
CA ASP C 122 0.76 -1.58 -32.75
C ASP C 122 1.00 -0.28 -33.50
N LEU C 123 1.08 0.80 -32.73
CA LEU C 123 1.31 2.14 -33.25
C LEU C 123 2.44 2.76 -32.44
N PRO C 124 3.04 3.84 -32.94
CA PRO C 124 4.13 4.50 -32.21
C PRO C 124 3.62 4.82 -30.81
N ALA C 125 4.37 4.43 -29.80
CA ALA C 125 3.96 4.67 -28.42
C ALA C 125 4.87 5.62 -27.65
N ILE C 126 4.25 6.57 -26.95
CA ILE C 126 4.99 7.53 -26.12
C ILE C 126 4.81 7.02 -24.70
N ILE C 127 5.91 6.77 -24.00
CA ILE C 127 5.83 6.22 -22.66
C ILE C 127 6.49 7.00 -21.54
N THR C 128 7.59 7.68 -21.82
CA THR C 128 8.27 8.43 -20.78
C THR C 128 8.09 9.92 -20.92
N ILE C 129 8.51 10.68 -19.93
CA ILE C 129 8.39 12.13 -20.04
C ILE C 129 9.30 12.52 -21.20
N GLU C 130 10.48 11.88 -21.24
CA GLU C 130 11.45 12.13 -22.29
C GLU C 130 10.84 11.83 -23.66
N ASP C 131 10.18 10.68 -23.77
CA ASP C 131 9.51 10.27 -25.00
C ASP C 131 8.54 11.34 -25.45
N ALA C 132 7.83 11.92 -24.49
CA ALA C 132 6.85 12.96 -24.78
C ALA C 132 7.46 14.23 -25.33
N ILE C 133 8.49 14.75 -24.67
CA ILE C 133 9.13 15.97 -25.13
C ILE C 133 9.69 15.79 -26.54
N LYS C 134 10.36 14.67 -26.77
CA LYS C 134 10.94 14.36 -28.07
C LYS C 134 9.88 14.41 -29.18
N ASN C 135 8.62 14.22 -28.81
CA ASN C 135 7.53 14.25 -29.79
C ASN C 135 6.58 15.42 -29.60
N ASN C 136 6.99 16.38 -28.77
CA ASN C 136 6.14 17.53 -28.52
C ASN C 136 4.74 17.00 -28.26
N SER C 137 4.62 16.17 -27.23
CA SER C 137 3.34 15.55 -26.88
C SER C 137 2.85 15.95 -25.50
N PHE C 138 2.12 17.07 -25.43
CA PHE C 138 1.60 17.57 -24.17
C PHE C 138 0.11 17.90 -24.28
N TYR C 139 -0.52 18.15 -23.14
CA TYR C 139 -1.92 18.53 -23.11
C TYR C 139 -1.96 20.03 -22.87
N GLY C 140 -2.59 20.77 -23.79
CA GLY C 140 -2.68 22.20 -23.64
C GLY C 140 -1.34 22.92 -23.72
N SER C 141 -1.30 24.13 -23.17
CA SER C 141 -0.10 24.93 -23.18
C SER C 141 0.55 25.01 -21.81
N GLU C 142 1.80 25.45 -21.80
CA GLU C 142 2.59 25.59 -20.60
C GLU C 142 2.00 26.55 -19.58
N LEU C 143 2.21 26.22 -18.30
CA LEU C 143 1.74 27.03 -17.19
C LEU C 143 3.00 27.67 -16.62
N LYS C 144 2.84 28.76 -15.87
CA LYS C 144 3.99 29.44 -15.28
C LYS C 144 3.62 30.61 -14.41
N ILE C 145 4.37 30.78 -13.32
CA ILE C 145 4.18 31.89 -12.41
C ILE C 145 5.57 32.51 -12.41
N GLU C 146 5.65 33.84 -12.53
CA GLU C 146 6.94 34.51 -12.56
C GLU C 146 6.84 35.84 -11.84
N LYS C 147 7.66 36.02 -10.83
CA LYS C 147 7.64 37.26 -10.07
C LYS C 147 9.05 37.85 -10.10
N GLY C 148 9.14 39.18 -10.13
CA GLY C 148 10.43 39.82 -10.18
C GLY C 148 11.08 39.57 -11.53
N ASP C 149 12.41 39.57 -11.56
CA ASP C 149 13.15 39.35 -12.80
C ASP C 149 14.37 38.49 -12.54
N LEU C 150 14.53 37.42 -13.32
CA LEU C 150 15.65 36.50 -13.17
C LEU C 150 17.02 37.18 -13.21
N LYS C 151 17.57 37.38 -14.41
CA LYS C 151 18.86 38.06 -14.51
C LYS C 151 18.70 39.37 -13.75
N LYS C 152 19.58 39.58 -12.78
CA LYS C 152 19.56 40.75 -11.88
C LYS C 152 19.69 40.09 -10.53
N GLY C 153 19.35 38.81 -10.52
CA GLY C 153 19.44 38.00 -9.32
C GLY C 153 20.39 36.89 -9.69
N PHE C 154 20.27 36.41 -10.93
CA PHE C 154 21.13 35.34 -11.43
C PHE C 154 22.54 35.89 -11.66
N SER C 155 22.66 37.21 -11.64
CA SER C 155 23.96 37.86 -11.80
C SER C 155 24.44 38.22 -10.41
N GLU C 156 23.56 38.88 -9.65
CA GLU C 156 23.84 39.30 -8.28
C GLU C 156 24.27 38.11 -7.40
N ALA C 157 23.91 36.90 -7.82
CA ALA C 157 24.23 35.70 -7.06
C ALA C 157 25.68 35.27 -7.15
N ASP C 158 26.25 34.92 -6.00
CA ASP C 158 27.63 34.45 -5.92
C ASP C 158 27.72 33.09 -6.61
N ASN C 159 27.00 32.11 -6.06
CA ASN C 159 27.00 30.76 -6.61
C ASN C 159 25.70 30.52 -7.37
N VAL C 160 25.78 29.64 -8.37
CA VAL C 160 24.63 29.30 -9.18
C VAL C 160 24.63 27.81 -9.51
N VAL C 161 23.67 27.08 -8.94
CA VAL C 161 23.58 25.64 -9.17
C VAL C 161 22.34 25.28 -9.97
N SER C 162 22.44 24.22 -10.76
CA SER C 162 21.32 23.77 -11.56
C SER C 162 21.40 22.27 -11.81
N GLY C 163 20.28 21.68 -12.27
CA GLY C 163 20.28 20.26 -12.53
C GLY C 163 18.93 19.68 -12.91
N GLU C 164 18.87 18.35 -12.99
CA GLU C 164 17.65 17.65 -13.32
C GLU C 164 17.25 16.74 -12.16
N LEU C 165 15.96 16.69 -11.88
CA LEU C 165 15.44 15.87 -10.79
C LEU C 165 14.15 15.16 -11.20
N TYR C 166 13.94 13.96 -10.65
CA TYR C 166 12.74 13.19 -10.96
C TYR C 166 12.18 12.57 -9.69
N ILE C 167 10.85 12.52 -9.63
CA ILE C 167 10.15 11.91 -8.49
C ILE C 167 9.15 10.93 -9.09
N GLY C 168 9.27 9.67 -8.68
CA GLY C 168 8.38 8.64 -9.20
C GLY C 168 6.94 8.81 -8.77
N GLY C 169 6.05 8.03 -9.37
CA GLY C 169 4.65 8.09 -9.02
C GLY C 169 4.31 7.35 -7.74
N GLN C 170 3.05 6.94 -7.60
CA GLN C 170 2.61 6.22 -6.42
C GLN C 170 1.18 5.70 -6.58
N ASP C 171 0.92 4.48 -6.13
CA ASP C 171 -0.43 3.95 -6.21
C ASP C 171 -1.12 4.26 -4.88
N HIS C 172 -2.39 4.64 -4.93
CA HIS C 172 -3.14 4.99 -3.73
C HIS C 172 -3.18 3.88 -2.71
N PHE C 173 -3.32 2.66 -3.21
CA PHE C 173 -3.40 1.46 -2.39
C PHE C 173 -4.36 1.57 -1.22
N TYR C 174 -5.57 2.06 -1.52
CA TYR C 174 -6.60 2.16 -0.51
C TYR C 174 -6.90 0.68 -0.33
N LEU C 175 -7.01 0.21 0.90
CA LEU C 175 -7.26 -1.21 1.11
C LEU C 175 -8.49 -1.71 0.35
N GLU C 176 -9.50 -0.86 0.19
CA GLU C 176 -10.68 -1.25 -0.57
C GLU C 176 -10.50 -0.70 -2.00
N THR C 177 -10.48 -1.59 -2.98
CA THR C 177 -10.34 -1.19 -4.37
C THR C 177 -11.63 -0.57 -4.89
N HIS C 178 -11.63 -0.11 -6.13
CA HIS C 178 -12.81 0.50 -6.74
C HIS C 178 -13.95 -0.52 -6.76
N CYS C 179 -15.19 -0.01 -6.70
CA CYS C 179 -16.34 -0.90 -6.67
C CYS C 179 -17.67 -0.18 -6.91
N THR C 180 -18.52 -0.78 -7.73
CA THR C 180 -19.83 -0.17 -7.99
C THR C 180 -20.93 -1.22 -8.13
N ILE C 181 -22.10 -0.88 -7.63
CA ILE C 181 -23.30 -1.69 -7.72
C ILE C 181 -24.31 -0.79 -8.45
N ALA C 182 -24.85 -1.28 -9.56
CA ALA C 182 -25.81 -0.51 -10.34
C ALA C 182 -27.16 -1.21 -10.35
N ILE C 183 -28.19 -0.48 -9.97
CA ILE C 183 -29.53 -1.05 -9.94
C ILE C 183 -30.48 -0.30 -10.86
N PRO C 184 -30.90 -0.94 -11.96
CA PRO C 184 -31.82 -0.29 -12.90
C PRO C 184 -33.22 -0.42 -12.33
N LYS C 185 -33.88 0.70 -12.11
CA LYS C 185 -35.22 0.68 -11.54
C LYS C 185 -36.32 0.31 -12.52
N GLY C 186 -35.96 0.16 -13.80
CA GLY C 186 -36.93 -0.22 -14.82
C GLY C 186 -37.93 0.81 -15.31
N GLU C 187 -37.90 2.03 -14.74
CA GLU C 187 -38.83 3.10 -15.09
C GLU C 187 -38.08 4.37 -15.48
N GLU C 188 -38.54 5.02 -16.55
CA GLU C 188 -37.94 6.28 -16.99
C GLU C 188 -36.42 6.36 -16.97
N GLY C 189 -35.75 5.23 -17.18
CA GLY C 189 -34.31 5.24 -17.18
C GLY C 189 -33.66 5.33 -15.80
N GLU C 190 -34.47 5.38 -14.75
CA GLU C 190 -33.93 5.47 -13.38
C GLU C 190 -32.90 4.41 -13.06
N MET C 191 -31.90 4.82 -12.29
CA MET C 191 -30.87 3.89 -11.87
C MET C 191 -30.32 4.35 -10.52
N GLU C 192 -30.26 3.41 -9.58
CA GLU C 192 -29.73 3.68 -8.24
C GLU C 192 -28.40 2.97 -8.17
N LEU C 193 -27.36 3.69 -7.74
CA LEU C 193 -26.03 3.09 -7.65
C LEU C 193 -25.37 3.32 -6.31
N PHE C 194 -24.69 2.27 -5.83
CA PHE C 194 -23.94 2.32 -4.57
C PHE C 194 -22.49 2.24 -5.04
N VAL C 195 -21.70 3.26 -4.73
CA VAL C 195 -20.33 3.29 -5.19
C VAL C 195 -19.33 3.81 -4.18
N SER C 196 -18.11 3.30 -4.28
CA SER C 196 -17.01 3.70 -3.43
C SER C 196 -16.38 4.87 -4.19
N THR C 197 -16.84 6.09 -3.91
CA THR C 197 -16.32 7.26 -4.59
C THR C 197 -16.41 8.53 -3.76
N GLN C 198 -15.51 9.47 -4.04
CA GLN C 198 -15.48 10.74 -3.32
C GLN C 198 -16.24 11.78 -4.16
N ASN C 199 -16.73 11.35 -5.31
CA ASN C 199 -17.43 12.25 -6.23
C ASN C 199 -18.76 11.70 -6.73
N ALA C 200 -19.80 11.85 -5.92
CA ALA C 200 -21.12 11.38 -6.31
C ALA C 200 -21.67 12.14 -7.51
N MET C 201 -21.43 13.44 -7.54
CA MET C 201 -21.91 14.28 -8.63
C MET C 201 -21.41 13.84 -10.01
N LYS C 202 -20.09 13.83 -10.19
CA LYS C 202 -19.52 13.44 -11.46
C LYS C 202 -19.90 12.01 -11.83
N THR C 203 -20.11 11.17 -10.83
CA THR C 203 -20.51 9.80 -11.08
C THR C 203 -21.93 9.86 -11.66
N GLN C 204 -22.78 10.69 -11.06
CA GLN C 204 -24.14 10.86 -11.51
C GLN C 204 -24.17 11.37 -12.97
N SER C 205 -23.42 12.43 -13.25
CA SER C 205 -23.35 13.00 -14.61
C SER C 205 -22.89 11.99 -15.65
N PHE C 206 -21.73 11.41 -15.41
CA PHE C 206 -21.13 10.43 -16.31
C PHE C 206 -22.03 9.26 -16.66
N VAL C 207 -22.79 8.75 -15.70
CA VAL C 207 -23.67 7.61 -15.96
C VAL C 207 -24.86 8.04 -16.82
N ALA C 208 -25.35 9.26 -16.56
CA ALA C 208 -26.47 9.80 -17.30
C ALA C 208 -26.08 10.14 -18.72
N LYS C 209 -24.86 10.64 -18.90
CA LYS C 209 -24.36 11.02 -20.21
C LYS C 209 -24.10 9.80 -21.08
N MET C 210 -23.65 8.71 -20.48
CA MET C 210 -23.39 7.52 -21.28
C MET C 210 -24.73 6.88 -21.60
N LEU C 211 -25.69 7.01 -20.69
CA LEU C 211 -27.01 6.44 -20.92
C LEU C 211 -27.83 7.37 -21.81
N GLY C 212 -27.50 8.65 -21.76
CA GLY C 212 -28.23 9.63 -22.56
C GLY C 212 -29.59 9.87 -21.93
N VAL C 213 -29.58 10.21 -20.65
CA VAL C 213 -30.80 10.45 -19.89
C VAL C 213 -30.58 11.65 -18.96
N PRO C 214 -31.65 12.35 -18.56
CA PRO C 214 -31.40 13.48 -17.68
C PRO C 214 -30.80 13.07 -16.34
N VAL C 215 -29.90 13.89 -15.83
CA VAL C 215 -29.23 13.64 -14.56
C VAL C 215 -30.19 13.33 -13.41
N ASN C 216 -31.41 13.83 -13.48
CA ASN C 216 -32.35 13.59 -12.40
C ASN C 216 -32.87 12.15 -12.31
N ARG C 217 -32.35 11.27 -13.15
CA ARG C 217 -32.77 9.87 -13.13
C ARG C 217 -31.79 8.98 -12.37
N ILE C 218 -30.56 9.47 -12.24
CA ILE C 218 -29.50 8.72 -11.57
C ILE C 218 -29.32 9.12 -10.12
N LEU C 219 -29.41 8.13 -9.23
CA LEU C 219 -29.23 8.38 -7.81
C LEU C 219 -27.96 7.66 -7.38
N VAL C 220 -26.94 8.41 -6.95
CA VAL C 220 -25.69 7.81 -6.52
C VAL C 220 -25.61 7.91 -5.00
N ARG C 221 -25.40 6.77 -4.34
CA ARG C 221 -25.32 6.76 -2.88
C ARG C 221 -23.97 6.25 -2.41
N VAL C 222 -23.37 7.00 -1.49
CA VAL C 222 -22.08 6.64 -0.92
C VAL C 222 -22.16 6.53 0.61
N LYS C 223 -22.03 5.31 1.11
CA LYS C 223 -22.07 5.06 2.54
C LYS C 223 -20.71 5.40 3.11
N ARG C 224 -19.68 4.76 2.55
CA ARG C 224 -18.31 4.99 2.97
C ARG C 224 -17.34 4.34 2.00
N MET C 225 -16.07 4.66 2.17
CA MET C 225 -15.01 4.11 1.33
C MET C 225 -13.94 3.53 2.22
N GLY C 226 -13.40 2.38 1.82
CA GLY C 226 -12.30 1.79 2.57
C GLY C 226 -11.06 2.47 2.00
N GLY C 227 -11.01 3.80 2.16
CA GLY C 227 -9.91 4.60 1.66
C GLY C 227 -10.16 5.16 0.27
N GLY C 228 -9.69 6.38 0.03
CA GLY C 228 -9.86 7.04 -1.26
C GLY C 228 -8.59 7.78 -1.66
N PHE C 229 -8.04 8.54 -0.72
CA PHE C 229 -6.81 9.32 -0.90
C PHE C 229 -6.68 10.10 -2.22
N GLY C 230 -7.81 10.29 -2.90
CA GLY C 230 -7.80 11.00 -4.16
C GLY C 230 -8.01 10.11 -5.37
N GLY C 231 -7.65 8.83 -5.23
CA GLY C 231 -7.81 7.90 -6.33
C GLY C 231 -9.27 7.58 -6.68
N LYS C 232 -10.19 8.09 -5.88
CA LYS C 232 -11.60 7.86 -6.14
C LYS C 232 -12.33 9.19 -6.36
N GLU C 233 -11.57 10.23 -6.71
CA GLU C 233 -12.15 11.52 -6.98
C GLU C 233 -12.71 11.59 -8.41
N THR C 234 -12.17 10.79 -9.33
CA THR C 234 -12.67 10.80 -10.69
C THR C 234 -12.57 9.42 -11.33
N ARG C 235 -11.39 8.82 -11.23
CA ARG C 235 -11.15 7.51 -11.84
C ARG C 235 -12.13 6.43 -11.45
N SER C 236 -12.90 6.67 -10.39
CA SER C 236 -13.86 5.67 -9.96
C SER C 236 -14.97 5.51 -11.01
N THR C 237 -15.18 6.54 -11.82
CA THR C 237 -16.22 6.45 -12.85
C THR C 237 -15.86 5.46 -13.96
N LEU C 238 -14.60 5.03 -14.01
CA LEU C 238 -14.19 4.08 -15.03
C LEU C 238 -15.00 2.81 -14.87
N VAL C 239 -15.16 2.39 -13.62
CA VAL C 239 -15.93 1.18 -13.31
C VAL C 239 -17.42 1.48 -13.27
N SER C 240 -17.78 2.58 -12.62
CA SER C 240 -19.19 2.96 -12.49
C SER C 240 -19.96 2.94 -13.80
N VAL C 241 -19.46 3.69 -14.78
CA VAL C 241 -20.11 3.77 -16.07
C VAL C 241 -20.21 2.41 -16.73
N ALA C 242 -19.16 1.62 -16.65
CA ALA C 242 -19.19 0.30 -17.26
C ALA C 242 -20.27 -0.58 -16.64
N VAL C 243 -20.44 -0.50 -15.32
CA VAL C 243 -21.44 -1.29 -14.60
C VAL C 243 -22.85 -0.73 -14.83
N ALA C 244 -22.95 0.59 -14.96
CA ALA C 244 -24.23 1.23 -15.24
C ALA C 244 -24.73 0.72 -16.59
N LEU C 245 -23.82 0.67 -17.56
CA LEU C 245 -24.21 0.20 -18.89
C LEU C 245 -24.76 -1.20 -18.79
N ALA C 246 -24.03 -2.08 -18.11
CA ALA C 246 -24.46 -3.47 -17.95
C ALA C 246 -25.82 -3.58 -17.30
N ALA C 247 -26.10 -2.67 -16.37
CA ALA C 247 -27.38 -2.68 -15.68
C ALA C 247 -28.45 -2.32 -16.69
N TYR C 248 -28.19 -1.27 -17.46
CA TYR C 248 -29.11 -0.81 -18.49
C TYR C 248 -29.36 -1.89 -19.54
N LYS C 249 -28.29 -2.30 -20.20
CA LYS C 249 -28.38 -3.30 -21.24
C LYS C 249 -29.08 -4.60 -20.79
N THR C 250 -28.75 -5.08 -19.60
CA THR C 250 -29.35 -6.34 -19.12
C THR C 250 -30.61 -6.18 -18.27
N GLY C 251 -30.84 -4.98 -17.73
CA GLY C 251 -32.01 -4.78 -16.89
C GLY C 251 -31.85 -5.56 -15.58
N HIS C 252 -30.62 -5.92 -15.28
CA HIS C 252 -30.32 -6.66 -14.05
C HIS C 252 -29.40 -5.84 -13.17
N PRO C 253 -29.54 -6.00 -11.85
CA PRO C 253 -28.65 -5.24 -10.99
C PRO C 253 -27.29 -5.89 -11.25
N VAL C 254 -26.24 -5.07 -11.32
CA VAL C 254 -24.90 -5.55 -11.65
C VAL C 254 -23.86 -4.92 -10.74
N ARG C 255 -22.80 -5.67 -10.44
CA ARG C 255 -21.75 -5.16 -9.60
C ARG C 255 -20.38 -5.55 -10.08
N CYS C 256 -19.39 -4.85 -9.53
CA CYS C 256 -18.01 -5.10 -9.86
C CYS C 256 -17.08 -4.41 -8.87
N MET C 257 -16.14 -5.19 -8.34
CA MET C 257 -15.12 -4.68 -7.43
C MET C 257 -13.85 -5.19 -8.07
N LEU C 258 -12.91 -4.28 -8.33
CA LEU C 258 -11.64 -4.62 -8.96
C LEU C 258 -10.68 -5.41 -8.06
N ASP C 259 -9.90 -6.30 -8.66
CA ASP C 259 -8.89 -7.03 -7.91
C ASP C 259 -7.78 -6.01 -7.81
N ARG C 260 -6.84 -6.23 -6.89
CA ARG C 260 -5.74 -5.30 -6.73
C ARG C 260 -4.95 -5.08 -8.03
N ASN C 261 -4.69 -6.15 -8.78
CA ASN C 261 -3.92 -6.04 -10.01
C ASN C 261 -4.63 -5.21 -11.09
N GLU C 262 -5.95 -5.30 -11.16
CA GLU C 262 -6.72 -4.51 -12.13
C GLU C 262 -6.65 -3.04 -11.70
N ASP C 263 -6.86 -2.83 -10.41
CA ASP C 263 -6.87 -1.49 -9.83
C ASP C 263 -5.60 -0.68 -10.10
N MET C 264 -4.46 -1.18 -9.68
CA MET C 264 -3.20 -0.46 -9.90
C MET C 264 -2.92 -0.21 -11.39
N LEU C 265 -3.31 -1.14 -12.23
CA LEU C 265 -3.07 -1.01 -13.66
C LEU C 265 -3.94 0.03 -14.37
N ILE C 266 -5.23 0.04 -14.05
CA ILE C 266 -6.21 0.91 -14.70
C ILE C 266 -6.53 2.30 -14.14
N THR C 267 -6.83 2.34 -12.85
CA THR C 267 -7.25 3.56 -12.17
C THR C 267 -6.28 4.73 -12.11
N GLY C 268 -5.02 4.49 -12.48
CA GLY C 268 -4.06 5.57 -12.44
C GLY C 268 -3.63 5.92 -11.02
N GLY C 269 -2.66 6.81 -10.91
CA GLY C 269 -2.16 7.19 -9.60
C GLY C 269 -1.56 8.56 -9.58
N ARG C 270 -0.55 8.74 -8.74
CA ARG C 270 0.13 10.01 -8.60
C ARG C 270 0.98 10.35 -9.81
N HIS C 271 1.10 11.65 -10.10
CA HIS C 271 1.86 12.13 -11.24
C HIS C 271 3.36 12.13 -11.02
N PRO C 272 4.08 11.36 -11.85
CA PRO C 272 5.55 11.34 -11.70
C PRO C 272 6.03 12.69 -12.26
N PHE C 273 6.97 13.34 -11.58
CA PHE C 273 7.47 14.62 -12.07
C PHE C 273 8.93 14.58 -12.48
N LEU C 274 9.24 15.31 -13.55
CA LEU C 274 10.60 15.46 -14.05
C LEU C 274 10.85 16.96 -13.91
N ALA C 275 11.97 17.34 -13.31
CA ALA C 275 12.25 18.75 -13.15
C ALA C 275 13.66 19.14 -13.56
N ARG C 276 13.79 20.38 -14.01
CA ARG C 276 15.06 20.93 -14.43
C ARG C 276 15.09 22.30 -13.81
N TYR C 277 15.92 22.45 -12.78
CA TYR C 277 16.00 23.70 -12.04
C TYR C 277 17.33 24.45 -12.20
N LYS C 278 17.45 25.54 -11.45
CA LYS C 278 18.62 26.40 -11.47
C LYS C 278 18.41 27.40 -10.34
N VAL C 279 19.33 27.43 -9.38
CA VAL C 279 19.24 28.32 -8.23
C VAL C 279 20.42 29.28 -8.11
N GLY C 280 20.11 30.52 -7.74
CA GLY C 280 21.12 31.54 -7.56
C GLY C 280 21.11 31.95 -6.11
N PHE C 281 22.27 31.92 -5.48
CA PHE C 281 22.36 32.26 -4.06
C PHE C 281 23.71 32.82 -3.67
N MET C 282 23.74 33.50 -2.52
CA MET C 282 24.95 34.07 -1.98
C MET C 282 25.66 32.98 -1.19
N LYS C 283 26.86 33.26 -0.71
CA LYS C 283 27.60 32.28 0.08
C LYS C 283 27.09 32.28 1.51
N THR C 284 26.07 33.10 1.76
CA THR C 284 25.45 33.19 3.07
C THR C 284 24.33 32.15 3.09
N GLY C 285 24.11 31.52 1.94
CA GLY C 285 23.07 30.51 1.83
C GLY C 285 21.72 31.14 1.50
N THR C 286 21.73 32.42 1.16
CA THR C 286 20.52 33.15 0.83
C THR C 286 20.16 33.07 -0.66
N ILE C 287 18.94 32.63 -0.94
CA ILE C 287 18.46 32.50 -2.32
C ILE C 287 18.06 33.86 -2.87
N VAL C 288 18.39 34.10 -4.14
CA VAL C 288 18.09 35.37 -4.79
C VAL C 288 17.59 35.14 -6.21
N ALA C 289 17.61 33.90 -6.66
CA ALA C 289 17.15 33.61 -8.01
C ALA C 289 16.89 32.11 -8.22
N LEU C 290 15.65 31.77 -8.56
CA LEU C 290 15.29 30.38 -8.78
C LEU C 290 14.54 30.17 -10.08
N GLU C 291 14.74 29.01 -10.69
CA GLU C 291 14.08 28.67 -11.94
C GLU C 291 13.82 27.17 -11.99
N VAL C 292 12.60 26.78 -12.34
CA VAL C 292 12.26 25.36 -12.41
C VAL C 292 11.26 25.05 -13.52
N ASP C 293 11.57 24.04 -14.32
CA ASP C 293 10.68 23.61 -15.40
C ASP C 293 10.10 22.26 -15.02
N HIS C 294 8.85 22.25 -14.59
CA HIS C 294 8.19 21.01 -14.19
C HIS C 294 7.62 20.24 -15.39
N TYR C 295 7.67 18.91 -15.30
CA TYR C 295 7.15 18.03 -16.36
C TYR C 295 6.52 16.83 -15.68
N SER C 296 5.21 16.64 -15.87
CA SER C 296 4.52 15.52 -15.26
C SER C 296 4.03 14.51 -16.30
N ASN C 297 3.97 13.25 -15.91
CA ASN C 297 3.49 12.21 -16.81
C ASN C 297 1.97 12.16 -16.55
N ALA C 298 1.18 12.62 -17.51
CA ALA C 298 -0.27 12.68 -17.35
C ALA C 298 -1.07 11.41 -17.67
N GLY C 299 -0.63 10.66 -18.67
CA GLY C 299 -1.35 9.44 -19.02
C GLY C 299 -2.08 9.64 -20.34
N ASN C 300 -3.11 8.84 -20.59
CA ASN C 300 -3.84 8.95 -21.84
C ASN C 300 -5.10 9.83 -21.82
N SER C 301 -5.18 10.75 -20.87
CA SER C 301 -6.30 11.69 -20.76
C SER C 301 -5.87 12.85 -19.88
N ARG C 302 -6.63 13.93 -19.90
CA ARG C 302 -6.30 15.12 -19.12
C ARG C 302 -6.61 14.99 -17.64
N ASP C 303 -7.85 14.63 -17.34
CA ASP C 303 -8.29 14.48 -15.96
C ASP C 303 -7.95 15.72 -15.13
N LEU C 304 -7.27 15.53 -14.00
CA LEU C 304 -6.94 16.66 -13.12
C LEU C 304 -5.50 17.16 -13.26
N SER C 305 -4.78 16.59 -14.22
CA SER C 305 -3.39 16.96 -14.44
C SER C 305 -3.16 18.47 -14.43
N HIS C 306 -4.01 19.20 -15.14
CA HIS C 306 -3.85 20.65 -15.21
C HIS C 306 -3.85 21.29 -13.83
N SER C 307 -4.94 21.12 -13.08
CA SER C 307 -5.04 21.72 -11.73
C SER C 307 -3.94 21.22 -10.82
N ILE C 308 -3.41 20.03 -11.11
CA ILE C 308 -2.36 19.45 -10.30
C ILE C 308 -1.05 20.19 -10.54
N MET C 309 -0.82 20.58 -11.79
CA MET C 309 0.38 21.32 -12.14
C MET C 309 0.29 22.70 -11.52
N GLU C 310 -0.94 23.20 -11.40
CA GLU C 310 -1.13 24.52 -10.82
C GLU C 310 -0.81 24.51 -9.33
N ARG C 311 -1.19 23.44 -8.64
CA ARG C 311 -0.89 23.36 -7.20
C ARG C 311 0.62 23.22 -7.01
N ALA C 312 1.24 22.48 -7.93
CA ALA C 312 2.68 22.28 -7.90
C ALA C 312 3.33 23.66 -7.99
N LEU C 313 2.98 24.40 -9.04
CA LEU C 313 3.52 25.74 -9.23
C LEU C 313 3.29 26.65 -8.04
N PHE C 314 2.12 26.54 -7.41
CA PHE C 314 1.81 27.36 -6.24
C PHE C 314 2.62 26.89 -5.05
N HIS C 315 3.38 25.82 -5.21
CA HIS C 315 4.15 25.30 -4.08
C HIS C 315 5.66 25.13 -4.27
N MET C 316 6.16 25.56 -5.43
CA MET C 316 7.58 25.45 -5.73
C MET C 316 8.46 26.28 -4.79
N ASP C 317 7.82 27.02 -3.90
CA ASP C 317 8.53 27.89 -2.94
C ASP C 317 8.57 27.34 -1.52
N ASN C 318 7.67 26.41 -1.22
CA ASN C 318 7.58 25.83 0.11
C ASN C 318 7.48 26.95 1.14
N CYS C 319 8.44 27.04 2.04
CA CYS C 319 8.44 28.06 3.08
C CYS C 319 9.55 29.10 2.90
N TYR C 320 10.04 29.26 1.69
CA TYR C 320 11.13 30.20 1.47
C TYR C 320 10.80 31.37 0.56
N LYS C 321 11.14 32.57 1.02
CA LYS C 321 10.92 33.81 0.27
C LYS C 321 12.00 33.98 -0.79
N ILE C 322 11.57 34.03 -2.05
CA ILE C 322 12.49 34.18 -3.16
C ILE C 322 12.17 35.42 -3.99
N PRO C 323 13.04 36.44 -3.94
CA PRO C 323 12.88 37.71 -4.67
C PRO C 323 12.52 37.56 -6.13
N ASN C 324 13.43 36.94 -6.90
CA ASN C 324 13.22 36.72 -8.32
C ASN C 324 13.03 35.24 -8.58
N ILE C 325 11.82 34.86 -8.96
CA ILE C 325 11.49 33.46 -9.21
C ILE C 325 10.67 33.24 -10.48
N ARG C 326 10.88 32.08 -11.11
CA ARG C 326 10.18 31.72 -12.33
C ARG C 326 10.07 30.21 -12.41
N GLY C 327 8.85 29.71 -12.55
CA GLY C 327 8.65 28.28 -12.64
C GLY C 327 7.58 27.95 -13.66
N THR C 328 7.81 26.92 -14.46
CA THR C 328 6.84 26.53 -15.47
C THR C 328 6.38 25.09 -15.27
N GLY C 329 5.34 24.72 -16.01
CA GLY C 329 4.81 23.37 -15.93
C GLY C 329 4.27 22.91 -17.26
N ARG C 330 4.44 21.64 -17.56
CA ARG C 330 3.98 21.05 -18.80
C ARG C 330 3.45 19.63 -18.56
N LEU C 331 2.20 19.38 -18.95
CA LEU C 331 1.59 18.07 -18.79
C LEU C 331 1.96 17.22 -19.99
N CYS C 332 2.57 16.06 -19.75
CA CYS C 332 2.99 15.21 -20.85
C CYS C 332 1.96 14.15 -21.22
N LYS C 333 1.59 14.12 -22.50
CA LYS C 333 0.62 13.15 -23.00
C LYS C 333 1.36 11.87 -23.33
N THR C 334 1.00 10.78 -22.65
CA THR C 334 1.68 9.51 -22.89
C THR C 334 0.73 8.31 -22.90
N ASN C 335 1.21 7.21 -23.45
CA ASN C 335 0.43 5.99 -23.54
C ASN C 335 0.47 5.16 -22.26
N LEU C 336 0.20 5.83 -21.15
CA LEU C 336 0.14 5.19 -19.84
C LEU C 336 -1.24 5.52 -19.29
N SER C 337 -1.69 4.74 -18.32
CA SER C 337 -2.98 5.01 -17.72
C SER C 337 -3.00 6.45 -17.25
N SER C 338 -4.16 7.08 -17.27
CA SER C 338 -4.23 8.48 -16.86
C SER C 338 -4.01 8.64 -15.36
N ASN C 339 -3.02 9.46 -15.01
CA ASN C 339 -2.75 9.70 -13.60
C ASN C 339 -3.77 10.73 -13.14
N THR C 340 -4.06 10.74 -11.85
CA THR C 340 -5.06 11.64 -11.30
C THR C 340 -4.66 12.25 -9.98
N ALA C 341 -5.64 12.52 -9.13
CA ALA C 341 -5.37 13.10 -7.81
C ALA C 341 -4.84 12.06 -6.82
N PHE C 342 -4.00 12.52 -5.90
CA PHE C 342 -3.43 11.69 -4.85
C PHE C 342 -2.96 12.60 -3.72
N ARG C 343 -3.55 12.38 -2.55
CA ARG C 343 -3.21 13.17 -1.36
C ARG C 343 -1.96 14.03 -1.55
N GLY C 344 -2.16 15.31 -1.82
CA GLY C 344 -1.06 16.22 -2.03
C GLY C 344 -1.34 17.05 -3.26
N PHE C 345 -1.99 16.42 -4.23
CA PHE C 345 -2.37 17.08 -5.46
C PHE C 345 -1.27 17.98 -6.02
N GLY C 346 -0.15 17.39 -6.39
CA GLY C 346 0.95 18.16 -6.95
C GLY C 346 1.85 18.89 -5.96
N GLY C 347 1.32 19.26 -4.80
CA GLY C 347 2.13 19.95 -3.81
C GLY C 347 3.35 19.17 -3.39
N PRO C 348 3.19 17.87 -3.04
CA PRO C 348 4.32 17.04 -2.62
C PRO C 348 5.48 17.05 -3.62
N GLN C 349 5.18 16.84 -4.90
CA GLN C 349 6.22 16.83 -5.92
C GLN C 349 6.97 18.15 -5.95
N ALA C 350 6.25 19.25 -5.92
CA ALA C 350 6.86 20.58 -5.97
C ALA C 350 7.69 20.86 -4.73
N LEU C 351 7.11 20.60 -3.56
CA LEU C 351 7.80 20.83 -2.30
C LEU C 351 9.08 20.02 -2.20
N PHE C 352 9.10 18.87 -2.86
CA PHE C 352 10.25 17.98 -2.87
C PHE C 352 11.38 18.61 -3.69
N ILE C 353 11.06 19.01 -4.91
CA ILE C 353 12.03 19.63 -5.80
C ILE C 353 12.62 20.85 -5.08
N ALA C 354 11.75 21.66 -4.48
CA ALA C 354 12.20 22.85 -3.77
C ALA C 354 13.19 22.48 -2.67
N GLU C 355 12.86 21.44 -1.91
CA GLU C 355 13.73 21.01 -0.83
C GLU C 355 15.02 20.42 -1.37
N ASN C 356 15.00 19.91 -2.59
CA ASN C 356 16.22 19.36 -3.16
C ASN C 356 17.23 20.45 -3.46
N TRP C 357 16.84 21.51 -4.17
CA TRP C 357 17.81 22.57 -4.44
C TRP C 357 18.19 23.29 -3.17
N MET C 358 17.30 23.28 -2.18
CA MET C 358 17.61 23.94 -0.92
C MET C 358 18.71 23.16 -0.19
N SER C 359 18.56 21.84 -0.14
CA SER C 359 19.55 21.01 0.54
C SER C 359 20.91 21.18 -0.13
N GLU C 360 20.89 21.40 -1.44
CA GLU C 360 22.11 21.58 -2.19
C GLU C 360 22.70 22.96 -1.94
N VAL C 361 21.85 23.93 -1.61
CA VAL C 361 22.33 25.28 -1.32
C VAL C 361 23.16 25.26 -0.05
N ALA C 362 22.58 24.77 1.04
CA ALA C 362 23.26 24.70 2.32
C ALA C 362 24.55 23.87 2.23
N VAL C 363 24.62 22.97 1.26
CA VAL C 363 25.80 22.14 1.09
C VAL C 363 26.91 22.92 0.37
N THR C 364 26.64 23.32 -0.86
CA THR C 364 27.61 24.06 -1.65
C THR C 364 28.15 25.28 -0.91
N CYS C 365 27.48 25.67 0.17
CA CYS C 365 27.89 26.81 0.97
C CYS C 365 28.60 26.37 2.24
N GLY C 366 28.76 25.06 2.40
CA GLY C 366 29.42 24.52 3.58
C GLY C 366 28.80 25.04 4.86
N LEU C 367 27.50 25.27 4.84
CA LEU C 367 26.79 25.79 6.01
C LEU C 367 25.78 24.77 6.54
N PRO C 368 25.38 24.91 7.81
CA PRO C 368 24.41 24.00 8.42
C PRO C 368 23.10 24.07 7.62
N ALA C 369 22.41 22.94 7.49
CA ALA C 369 21.16 22.89 6.74
C ALA C 369 20.06 23.73 7.40
N GLU C 370 19.85 23.56 8.70
CA GLU C 370 18.82 24.34 9.39
C GLU C 370 19.12 25.83 9.35
N GLU C 371 20.41 26.17 9.24
CA GLU C 371 20.81 27.56 9.20
C GLU C 371 20.28 28.23 7.94
N VAL C 372 20.52 27.59 6.80
CA VAL C 372 20.10 28.09 5.50
C VAL C 372 18.58 28.18 5.34
N ARG C 373 17.90 27.05 5.52
CA ARG C 373 16.45 27.01 5.39
C ARG C 373 15.82 28.14 6.21
N TRP C 374 16.32 28.35 7.42
CA TRP C 374 15.79 29.40 8.29
C TRP C 374 16.09 30.81 7.77
N LYS C 375 17.19 30.95 7.04
CA LYS C 375 17.55 32.26 6.50
C LYS C 375 16.58 32.62 5.37
N ASN C 376 16.29 31.64 4.52
CA ASN C 376 15.40 31.82 3.39
C ASN C 376 13.92 31.70 3.71
N MET C 377 13.59 31.43 4.97
CA MET C 377 12.19 31.27 5.34
C MET C 377 11.39 32.56 5.30
N TYR C 378 10.11 32.45 4.95
CA TYR C 378 9.21 33.61 4.89
C TYR C 378 9.08 34.24 6.28
N LYS C 379 8.64 35.49 6.30
CA LYS C 379 8.43 36.24 7.53
C LYS C 379 6.95 36.59 7.56
N GLU C 380 6.44 36.95 8.73
CA GLU C 380 5.04 37.31 8.82
C GLU C 380 4.75 38.45 7.86
N GLY C 381 3.59 38.39 7.21
CA GLY C 381 3.20 39.43 6.27
C GLY C 381 3.83 39.42 4.90
N ASP C 382 4.74 38.49 4.63
CA ASP C 382 5.37 38.44 3.32
C ASP C 382 4.39 37.97 2.26
N LEU C 383 4.82 37.95 1.00
CA LEU C 383 3.96 37.53 -0.09
C LEU C 383 4.66 36.40 -0.85
N THR C 384 3.87 35.48 -1.39
CA THR C 384 4.45 34.35 -2.11
C THR C 384 4.83 34.71 -3.54
N HIS C 385 5.33 33.73 -4.27
CA HIS C 385 5.72 33.94 -5.65
C HIS C 385 4.48 34.22 -6.50
N PHE C 386 3.30 34.07 -5.91
CA PHE C 386 2.05 34.34 -6.62
C PHE C 386 1.34 35.53 -5.97
N ASN C 387 2.09 36.21 -5.10
CA ASN C 387 1.64 37.43 -4.43
C ASN C 387 0.61 37.40 -3.31
N GLN C 388 0.36 36.24 -2.70
CA GLN C 388 -0.60 36.25 -1.62
C GLN C 388 0.06 36.50 -0.29
N ARG C 389 -0.58 37.38 0.49
CA ARG C 389 -0.12 37.77 1.82
C ARG C 389 -0.19 36.56 2.76
N LEU C 390 0.90 36.29 3.47
CA LEU C 390 0.95 35.18 4.41
C LEU C 390 0.63 35.69 5.81
N GLU C 391 -0.63 35.56 6.22
CA GLU C 391 -1.05 36.02 7.53
C GLU C 391 -1.19 34.86 8.51
N GLY C 392 -0.68 35.06 9.72
CA GLY C 392 -0.75 34.01 10.74
C GLY C 392 0.29 32.93 10.52
N PHE C 393 1.38 33.29 9.84
CA PHE C 393 2.48 32.38 9.56
C PHE C 393 2.95 31.76 10.88
N SER C 394 2.80 30.45 11.04
CA SER C 394 3.20 29.78 12.29
C SER C 394 4.42 28.86 12.16
N VAL C 395 4.91 28.68 10.93
CA VAL C 395 6.08 27.81 10.72
C VAL C 395 7.17 28.05 11.76
N PRO C 396 7.49 29.32 12.06
CA PRO C 396 8.53 29.57 13.05
C PRO C 396 8.24 28.97 14.43
N ARG C 397 7.00 29.02 14.88
CA ARG C 397 6.68 28.44 16.18
C ARG C 397 6.88 26.92 16.13
N CYS C 398 6.42 26.31 15.04
CA CYS C 398 6.54 24.88 14.84
C CYS C 398 8.02 24.47 14.77
N TRP C 399 8.78 25.22 13.98
CA TRP C 399 10.21 24.98 13.79
C TRP C 399 11.00 25.07 15.08
N ASP C 400 10.83 26.15 15.82
CA ASP C 400 11.55 26.32 17.08
C ASP C 400 11.18 25.24 18.09
N GLU C 401 9.88 24.97 18.21
CA GLU C 401 9.39 23.96 19.14
C GLU C 401 9.82 22.55 18.76
N CYS C 402 9.73 22.22 17.47
CA CYS C 402 10.12 20.91 16.99
C CYS C 402 11.58 20.65 17.33
N LEU C 403 12.42 21.66 17.11
CA LEU C 403 13.84 21.54 17.40
C LEU C 403 14.05 21.30 18.89
N LYS C 404 13.26 22.00 19.69
CA LYS C 404 13.35 21.88 21.14
C LYS C 404 12.94 20.48 21.62
N SER C 405 11.66 20.14 21.43
CA SER C 405 11.15 18.85 21.87
C SER C 405 11.89 17.65 21.27
N SER C 406 12.51 17.85 20.10
CA SER C 406 13.24 16.75 19.47
C SER C 406 14.70 16.69 19.90
N GLN C 407 15.15 17.71 20.64
CA GLN C 407 16.53 17.78 21.11
C GLN C 407 17.42 17.68 19.88
N TYR C 408 16.99 18.33 18.81
CA TYR C 408 17.70 18.34 17.54
C TYR C 408 19.21 18.59 17.65
N TYR C 409 19.58 19.68 18.33
CA TYR C 409 20.99 20.02 18.46
C TYR C 409 21.86 19.01 19.22
N ALA C 410 21.34 18.48 20.32
CA ALA C 410 22.10 17.50 21.08
C ALA C 410 22.20 16.21 20.26
N ARG C 411 21.13 15.89 19.55
CA ARG C 411 21.10 14.68 18.73
C ARG C 411 21.97 14.83 17.49
N LYS C 412 22.10 16.06 17.00
CA LYS C 412 22.92 16.29 15.81
C LYS C 412 24.35 15.93 16.16
N SER C 413 24.73 16.20 17.41
CA SER C 413 26.07 15.91 17.88
C SER C 413 26.23 14.39 17.95
N GLU C 414 25.27 13.75 18.62
CA GLU C 414 25.29 12.29 18.78
C GLU C 414 25.43 11.63 17.42
N VAL C 415 24.71 12.15 16.43
CA VAL C 415 24.76 11.59 15.08
C VAL C 415 26.17 11.63 14.52
N ASP C 416 26.79 12.80 14.54
CA ASP C 416 28.14 12.95 14.01
C ASP C 416 29.14 12.01 14.68
N LYS C 417 28.97 11.77 15.97
CA LYS C 417 29.87 10.89 16.70
C LYS C 417 29.77 9.49 16.09
N PHE C 418 28.54 9.00 16.00
CA PHE C 418 28.27 7.68 15.43
C PHE C 418 28.96 7.59 14.07
N ASN C 419 28.78 8.61 13.25
CA ASN C 419 29.36 8.61 11.91
C ASN C 419 30.88 8.59 11.92
N LYS C 420 31.47 8.72 13.10
CA LYS C 420 32.92 8.70 13.21
C LYS C 420 33.35 7.36 13.79
N GLU C 421 32.50 6.78 14.64
CA GLU C 421 32.80 5.51 15.27
C GLU C 421 32.34 4.31 14.43
N ASN C 422 31.63 4.60 13.35
CA ASN C 422 31.11 3.54 12.48
C ASN C 422 31.56 3.73 11.05
N CYS C 423 31.97 2.62 10.43
CA CYS C 423 32.47 2.66 9.07
C CYS C 423 31.47 2.26 7.98
N TRP C 424 30.68 1.22 8.22
CA TRP C 424 29.73 0.77 7.22
C TRP C 424 28.29 1.09 7.56
N LYS C 425 28.11 2.02 8.49
CA LYS C 425 26.78 2.46 8.90
C LYS C 425 26.87 3.94 9.21
N LYS C 426 25.84 4.68 8.79
CA LYS C 426 25.81 6.11 9.02
C LYS C 426 24.41 6.54 9.40
N ARG C 427 24.32 7.67 10.10
CA ARG C 427 23.03 8.21 10.51
C ARG C 427 22.81 9.58 9.89
N GLY C 428 21.55 9.94 9.72
CA GLY C 428 21.23 11.23 9.14
C GLY C 428 20.19 11.91 10.01
N LEU C 429 20.15 13.23 9.93
CA LEU C 429 19.21 14.00 10.72
C LEU C 429 18.86 15.22 9.89
N CYS C 430 17.56 15.52 9.81
CA CYS C 430 17.12 16.65 9.03
C CYS C 430 15.75 17.11 9.50
N ILE C 431 15.59 18.42 9.62
CA ILE C 431 14.32 18.98 10.04
C ILE C 431 13.81 19.79 8.85
N ILE C 432 12.57 19.53 8.45
CA ILE C 432 11.99 20.22 7.30
C ILE C 432 10.62 20.83 7.56
N PRO C 433 10.41 22.05 7.05
CA PRO C 433 9.14 22.76 7.21
C PRO C 433 8.24 22.55 6.01
N THR C 434 7.00 23.00 6.11
CA THR C 434 6.09 22.89 4.98
C THR C 434 4.87 23.78 5.18
N LYS C 435 4.33 24.27 4.08
CA LYS C 435 3.14 25.10 4.13
C LYS C 435 2.29 24.54 2.99
N PHE C 436 0.99 24.40 3.23
CA PHE C 436 0.12 23.86 2.20
C PHE C 436 -1.06 24.81 2.01
N GLY C 437 -1.27 25.25 0.76
CA GLY C 437 -2.37 26.14 0.46
C GLY C 437 -3.70 25.41 0.53
N ILE C 438 -4.61 25.93 1.36
CA ILE C 438 -5.92 25.32 1.58
C ILE C 438 -7.10 25.89 0.78
N SER C 439 -7.59 25.10 -0.19
CA SER C 439 -8.75 25.44 -1.04
C SER C 439 -8.59 24.92 -2.46
N PHE C 440 -9.71 24.61 -3.10
CA PHE C 440 -9.68 24.14 -4.48
C PHE C 440 -9.08 25.28 -5.30
N THR C 441 -8.19 24.98 -6.23
CA THR C 441 -7.62 26.03 -7.05
C THR C 441 -8.63 26.47 -8.10
N VAL C 442 -9.69 25.69 -8.26
CA VAL C 442 -10.77 26.00 -9.19
C VAL C 442 -11.88 26.63 -8.34
N PRO C 443 -11.96 27.96 -8.34
CA PRO C 443 -12.93 28.77 -7.59
C PRO C 443 -14.32 28.21 -7.28
N PHE C 444 -15.03 27.74 -8.31
CA PHE C 444 -16.38 27.24 -8.11
C PHE C 444 -16.60 25.95 -7.30
N LEU C 445 -15.53 25.22 -7.01
CA LEU C 445 -15.69 24.00 -6.24
C LEU C 445 -15.76 24.30 -4.76
N ASN C 446 -15.42 25.52 -4.40
CA ASN C 446 -15.44 25.92 -3.00
C ASN C 446 -16.84 26.32 -2.56
N GLN C 447 -17.73 25.34 -2.61
CA GLN C 447 -19.12 25.49 -2.20
C GLN C 447 -19.58 24.17 -1.60
N ALA C 448 -20.44 24.23 -0.60
CA ALA C 448 -20.94 23.05 0.06
C ALA C 448 -22.34 23.29 0.57
N GLY C 449 -23.17 22.25 0.49
CA GLY C 449 -24.53 22.33 0.98
C GLY C 449 -24.80 21.21 1.96
N ALA C 450 -25.83 21.39 2.78
CA ALA C 450 -26.22 20.39 3.76
C ALA C 450 -27.74 20.36 3.84
N LEU C 451 -28.26 19.29 4.43
CA LEU C 451 -29.70 19.11 4.60
C LEU C 451 -29.88 18.52 5.98
N ILE C 452 -30.79 19.09 6.77
CA ILE C 452 -31.02 18.61 8.13
C ILE C 452 -32.50 18.42 8.44
N HIS C 453 -32.80 17.30 9.08
CA HIS C 453 -34.16 17.01 9.47
C HIS C 453 -34.14 16.75 10.96
N VAL C 454 -35.14 17.25 11.66
CA VAL C 454 -35.28 17.00 13.09
C VAL C 454 -36.63 16.29 13.15
N TYR C 455 -36.63 15.02 13.49
CA TYR C 455 -37.87 14.27 13.56
C TYR C 455 -38.59 14.58 14.85
N THR C 456 -39.89 14.32 14.87
CA THR C 456 -40.72 14.61 16.03
C THR C 456 -40.31 13.96 17.35
N ASP C 457 -39.26 13.15 17.36
CA ASP C 457 -38.83 12.54 18.61
C ASP C 457 -37.59 13.29 19.06
N GLY C 458 -37.27 14.35 18.32
CA GLY C 458 -36.11 15.15 18.63
C GLY C 458 -34.83 14.67 17.95
N SER C 459 -34.81 13.41 17.52
CA SER C 459 -33.64 12.85 16.85
C SER C 459 -33.38 13.66 15.60
N VAL C 460 -32.10 13.84 15.27
CA VAL C 460 -31.69 14.61 14.10
C VAL C 460 -30.93 13.79 13.09
N LEU C 461 -31.24 13.98 11.81
CA LEU C 461 -30.55 13.29 10.75
C LEU C 461 -29.87 14.36 9.92
N VAL C 462 -28.54 14.29 9.87
CA VAL C 462 -27.75 15.25 9.11
C VAL C 462 -27.26 14.63 7.82
N SER C 463 -27.24 15.44 6.77
CA SER C 463 -26.78 15.01 5.46
C SER C 463 -26.02 16.18 4.85
N HIS C 464 -24.88 15.89 4.22
CA HIS C 464 -24.09 16.94 3.58
C HIS C 464 -23.37 16.38 2.35
N GLY C 465 -22.91 17.25 1.47
CA GLY C 465 -22.23 16.84 0.26
C GLY C 465 -20.89 16.15 0.39
N GLY C 466 -20.38 15.99 1.61
CA GLY C 466 -19.10 15.33 1.78
C GLY C 466 -19.22 13.83 2.01
N THR C 467 -18.18 13.07 1.68
CA THR C 467 -18.19 11.62 1.87
C THR C 467 -17.14 11.14 2.88
N GLU C 468 -17.38 9.97 3.47
CA GLU C 468 -16.47 9.39 4.45
C GLU C 468 -15.55 8.32 3.84
N MET C 469 -14.24 8.52 4.00
CA MET C 469 -13.25 7.60 3.48
C MET C 469 -12.23 7.19 4.55
N GLY C 470 -12.58 7.46 5.81
CA GLY C 470 -11.70 7.11 6.92
C GLY C 470 -11.12 8.32 7.64
N GLN C 471 -11.23 9.51 7.05
CA GLN C 471 -10.69 10.73 7.65
C GLN C 471 -11.56 11.23 8.81
N GLY C 472 -12.73 10.63 8.97
CA GLY C 472 -13.62 11.02 10.05
C GLY C 472 -14.39 12.30 9.82
N LEU C 473 -14.79 12.55 8.58
CA LEU C 473 -15.56 13.75 8.27
C LEU C 473 -16.89 13.73 9.02
N HIS C 474 -17.64 12.64 8.90
CA HIS C 474 -18.93 12.54 9.59
C HIS C 474 -18.80 12.76 11.09
N THR C 475 -17.78 12.18 11.70
CA THR C 475 -17.59 12.36 13.14
C THR C 475 -17.51 13.86 13.45
N LYS C 476 -16.72 14.59 12.67
CA LYS C 476 -16.57 16.03 12.87
C LYS C 476 -17.86 16.81 12.68
N MET C 477 -18.62 16.47 11.65
CA MET C 477 -19.87 17.17 11.38
C MET C 477 -20.86 16.95 12.52
N VAL C 478 -20.84 15.74 13.07
CA VAL C 478 -21.74 15.41 14.18
C VAL C 478 -21.32 16.25 15.36
N GLN C 479 -20.00 16.43 15.51
CA GLN C 479 -19.47 17.23 16.59
C GLN C 479 -19.90 18.67 16.39
N VAL C 480 -19.75 19.18 15.18
CA VAL C 480 -20.15 20.55 14.90
C VAL C 480 -21.64 20.72 15.21
N ALA C 481 -22.47 19.95 14.52
CA ALA C 481 -23.92 20.02 14.72
C ALA C 481 -24.30 19.92 16.19
N SER C 482 -23.68 18.99 16.91
CA SER C 482 -23.97 18.81 18.33
C SER C 482 -23.73 20.08 19.14
N LYS C 483 -22.70 20.83 18.75
CA LYS C 483 -22.40 22.07 19.45
C LYS C 483 -23.37 23.16 19.03
N ALA C 484 -23.46 23.41 17.72
CA ALA C 484 -24.34 24.45 17.19
C ALA C 484 -25.78 24.33 17.69
N LEU C 485 -26.33 23.13 17.70
CA LEU C 485 -27.70 22.94 18.16
C LEU C 485 -27.73 22.84 19.68
N LYS C 486 -26.55 22.67 20.29
CA LYS C 486 -26.45 22.56 21.73
C LYS C 486 -27.28 21.40 22.28
N ILE C 487 -27.01 20.21 21.73
CA ILE C 487 -27.68 18.99 22.15
C ILE C 487 -26.62 17.89 22.06
N PRO C 488 -26.78 16.82 22.84
CA PRO C 488 -25.83 15.69 22.86
C PRO C 488 -25.61 15.06 21.49
N ILE C 489 -24.39 14.59 21.21
CA ILE C 489 -24.09 13.98 19.92
C ILE C 489 -25.03 12.78 19.67
N SER C 490 -25.38 12.07 20.74
CA SER C 490 -26.22 10.89 20.65
C SER C 490 -27.55 11.10 19.95
N LYS C 491 -28.05 12.34 19.93
CA LYS C 491 -29.33 12.63 19.28
C LYS C 491 -29.17 12.95 17.79
N ILE C 492 -27.94 13.09 17.34
CA ILE C 492 -27.66 13.41 15.95
C ILE C 492 -27.09 12.21 15.21
N TYR C 493 -27.42 12.09 13.93
CA TYR C 493 -26.93 10.95 13.17
C TYR C 493 -26.75 11.23 11.67
N ILE C 494 -25.69 10.66 11.10
CA ILE C 494 -25.44 10.80 9.68
C ILE C 494 -25.37 9.39 9.10
N SER C 495 -26.23 9.11 8.13
CA SER C 495 -26.28 7.78 7.53
C SER C 495 -25.37 7.60 6.32
N GLU C 496 -25.49 8.48 5.33
CA GLU C 496 -24.70 8.36 4.11
C GLU C 496 -24.69 9.68 3.34
N THR C 497 -24.10 9.63 2.14
CA THR C 497 -24.01 10.77 1.23
C THR C 497 -24.82 10.36 -0.01
N SER C 498 -25.72 11.22 -0.48
CA SER C 498 -26.48 10.83 -1.67
C SER C 498 -26.82 12.04 -2.52
N THR C 499 -26.95 11.82 -3.83
CA THR C 499 -27.24 12.89 -4.76
C THR C 499 -28.66 13.44 -4.70
N ASN C 500 -29.55 12.72 -4.02
CA ASN C 500 -30.92 13.20 -3.93
C ASN C 500 -31.16 13.96 -2.63
N THR C 501 -30.12 14.05 -1.80
CA THR C 501 -30.24 14.81 -0.56
C THR C 501 -29.50 16.14 -0.72
N VAL C 502 -28.28 16.09 -1.26
CA VAL C 502 -27.50 17.29 -1.50
C VAL C 502 -26.93 17.17 -2.91
N PRO C 503 -27.47 17.96 -3.85
CA PRO C 503 -27.03 17.93 -5.25
C PRO C 503 -25.83 18.78 -5.61
N ASN C 504 -25.33 18.54 -6.82
CA ASN C 504 -24.20 19.28 -7.39
C ASN C 504 -23.07 19.55 -6.41
N SER C 505 -22.75 18.54 -5.61
CA SER C 505 -21.67 18.66 -4.62
C SER C 505 -20.31 18.49 -5.28
N SER C 506 -19.30 19.10 -4.69
CA SER C 506 -17.95 19.00 -5.19
C SER C 506 -17.38 17.68 -4.67
N PRO C 507 -16.33 17.17 -5.30
CA PRO C 507 -15.81 15.91 -4.77
C PRO C 507 -15.24 16.15 -3.37
N THR C 508 -15.36 15.16 -2.50
CA THR C 508 -14.80 15.32 -1.17
C THR C 508 -13.30 15.31 -1.41
N ALA C 509 -12.68 16.50 -1.37
CA ALA C 509 -11.24 16.62 -1.63
C ALA C 509 -10.62 17.94 -1.21
N ALA C 510 -9.36 18.11 -1.58
CA ALA C 510 -8.59 19.31 -1.26
C ALA C 510 -8.59 19.69 0.22
N SER C 511 -8.80 18.69 1.09
CA SER C 511 -8.80 18.90 2.54
C SER C 511 -9.77 19.92 3.12
N VAL C 512 -10.61 20.51 2.28
CA VAL C 512 -11.55 21.54 2.75
C VAL C 512 -12.93 21.06 3.22
N SER C 513 -13.17 19.76 3.15
CA SER C 513 -14.46 19.20 3.56
C SER C 513 -14.93 19.61 4.95
N THR C 514 -14.05 19.54 5.94
CA THR C 514 -14.46 19.93 7.28
C THR C 514 -14.77 21.43 7.34
N ASP C 515 -14.06 22.20 6.53
CA ASP C 515 -14.26 23.65 6.49
C ASP C 515 -15.60 24.00 5.86
N ILE C 516 -15.83 23.52 4.64
CA ILE C 516 -17.06 23.86 3.97
C ILE C 516 -18.33 23.17 4.47
N TYR C 517 -18.35 21.84 4.55
CA TYR C 517 -19.57 21.19 5.02
C TYR C 517 -19.83 21.54 6.48
N GLY C 518 -18.75 21.79 7.21
CA GLY C 518 -18.91 22.18 8.60
C GLY C 518 -19.71 23.47 8.64
N GLN C 519 -19.34 24.41 7.79
CA GLN C 519 -20.02 25.69 7.73
C GLN C 519 -21.47 25.49 7.27
N ALA C 520 -21.64 24.66 6.24
CA ALA C 520 -22.95 24.36 5.68
C ALA C 520 -23.88 23.73 6.70
N VAL C 521 -23.33 22.89 7.57
CA VAL C 521 -24.13 22.23 8.61
C VAL C 521 -24.43 23.20 9.76
N TYR C 522 -23.50 24.11 9.99
CA TYR C 522 -23.64 25.12 11.03
C TYR C 522 -24.83 26.02 10.67
N GLU C 523 -24.82 26.54 9.45
CA GLU C 523 -25.90 27.41 9.00
C GLU C 523 -27.27 26.75 9.12
N ALA C 524 -27.38 25.51 8.66
CA ALA C 524 -28.65 24.79 8.74
C ALA C 524 -29.06 24.63 10.20
N CYS C 525 -28.09 24.42 11.08
CA CYS C 525 -28.42 24.28 12.49
C CYS C 525 -29.05 25.59 12.97
N GLN C 526 -28.42 26.69 12.60
CA GLN C 526 -28.90 28.01 12.99
C GLN C 526 -30.35 28.20 12.55
N THR C 527 -30.61 27.90 11.27
CA THR C 527 -31.96 28.04 10.72
C THR C 527 -32.97 27.28 11.56
N ILE C 528 -32.54 26.13 12.08
CA ILE C 528 -33.40 25.30 12.90
C ILE C 528 -33.63 26.03 14.20
N LEU C 529 -32.53 26.45 14.83
CA LEU C 529 -32.58 27.16 16.11
C LEU C 529 -33.52 28.36 16.02
N LYS C 530 -33.44 29.11 14.93
CA LYS C 530 -34.31 30.26 14.76
C LYS C 530 -35.76 29.81 14.90
N ARG C 531 -36.14 28.81 14.12
CA ARG C 531 -37.50 28.28 14.13
C ARG C 531 -37.95 27.82 15.50
N LEU C 532 -37.05 27.21 16.25
CA LEU C 532 -37.40 26.70 17.57
C LEU C 532 -37.42 27.77 18.67
N GLU C 533 -36.74 28.88 18.41
CA GLU C 533 -36.64 29.98 19.38
C GLU C 533 -37.93 30.36 20.10
N PRO C 534 -39.02 30.63 19.36
CA PRO C 534 -40.29 31.01 19.99
C PRO C 534 -40.82 29.98 20.99
N PHE C 535 -40.45 28.72 20.81
CA PHE C 535 -40.90 27.67 21.71
C PHE C 535 -39.97 27.48 22.91
N LYS C 536 -38.72 27.91 22.74
CA LYS C 536 -37.74 27.81 23.81
C LYS C 536 -38.10 28.88 24.87
N LYS C 537 -38.60 30.01 24.39
CA LYS C 537 -39.00 31.11 25.24
C LYS C 537 -40.24 30.74 26.04
N LYS C 538 -41.31 30.38 25.33
CA LYS C 538 -42.55 30.00 25.99
C LYS C 538 -42.27 29.01 27.12
N ASN C 539 -41.43 28.03 26.84
CA ASN C 539 -41.10 27.00 27.82
C ASN C 539 -39.59 26.83 27.98
N PRO C 540 -38.97 27.63 28.86
CA PRO C 540 -37.53 27.64 29.16
C PRO C 540 -37.00 26.37 29.85
N ASP C 541 -37.80 25.81 30.76
CA ASP C 541 -37.38 24.60 31.48
C ASP C 541 -37.72 23.34 30.69
N GLY C 542 -38.33 23.52 29.54
CA GLY C 542 -38.69 22.37 28.71
C GLY C 542 -37.48 21.76 28.03
N SER C 543 -37.58 20.48 27.70
CA SER C 543 -36.48 19.78 27.06
C SER C 543 -36.51 20.03 25.56
N TRP C 544 -35.39 19.73 24.90
CA TRP C 544 -35.27 19.86 23.45
C TRP C 544 -36.44 19.15 22.78
N GLU C 545 -36.73 17.94 23.25
CA GLU C 545 -37.84 17.17 22.72
C GLU C 545 -39.10 18.03 22.76
N ASP C 546 -39.44 18.53 23.94
CA ASP C 546 -40.62 19.36 24.11
C ASP C 546 -40.74 20.44 23.02
N TRP C 547 -39.74 21.29 22.90
CA TRP C 547 -39.75 22.36 21.91
C TRP C 547 -39.91 21.85 20.48
N VAL C 548 -39.36 20.68 20.17
CA VAL C 548 -39.47 20.14 18.83
C VAL C 548 -40.91 19.70 18.56
N MET C 549 -41.50 19.00 19.51
CA MET C 549 -42.88 18.54 19.34
C MET C 549 -43.80 19.75 19.21
N ALA C 550 -43.55 20.77 20.03
CA ALA C 550 -44.36 21.99 20.01
C ALA C 550 -44.24 22.70 18.66
N ALA C 551 -43.04 22.74 18.12
CA ALA C 551 -42.82 23.39 16.84
C ALA C 551 -43.50 22.59 15.71
N TYR C 552 -43.60 21.29 15.89
CA TYR C 552 -44.24 20.43 14.89
C TYR C 552 -45.75 20.59 14.98
N GLN C 553 -46.25 20.51 16.21
CA GLN C 553 -47.68 20.64 16.48
C GLN C 553 -48.20 22.02 16.06
N ASP C 554 -47.32 23.00 16.05
CA ASP C 554 -47.71 24.34 15.67
C ASP C 554 -47.25 24.56 14.25
N ARG C 555 -47.14 23.45 13.54
CA ARG C 555 -46.76 23.43 12.13
C ARG C 555 -45.58 24.31 11.70
N VAL C 556 -44.43 24.05 12.31
CA VAL C 556 -43.22 24.77 11.96
C VAL C 556 -42.32 23.74 11.29
N SER C 557 -41.82 24.06 10.11
CA SER C 557 -40.97 23.12 9.39
C SER C 557 -39.71 22.83 10.19
N LEU C 558 -39.38 21.54 10.31
CA LEU C 558 -38.19 21.12 11.03
C LEU C 558 -37.19 20.53 10.04
N SER C 559 -37.17 21.08 8.84
CA SER C 559 -36.27 20.61 7.81
C SER C 559 -35.68 21.80 7.08
N THR C 560 -34.36 21.80 6.91
CA THR C 560 -33.72 22.90 6.25
C THR C 560 -32.42 22.58 5.55
N THR C 561 -32.05 23.44 4.61
CA THR C 561 -30.81 23.28 3.88
C THR C 561 -29.78 24.18 4.54
N GLY C 562 -28.55 24.10 4.05
CA GLY C 562 -27.47 24.90 4.56
C GLY C 562 -26.52 25.11 3.41
N PHE C 563 -25.82 26.23 3.38
CA PHE C 563 -24.90 26.45 2.28
C PHE C 563 -23.74 27.33 2.64
N TYR C 564 -22.64 27.15 1.94
CA TYR C 564 -21.44 27.93 2.18
C TYR C 564 -20.60 28.04 0.92
N ARG C 565 -20.05 29.23 0.73
CA ARG C 565 -19.20 29.54 -0.41
C ARG C 565 -17.96 30.15 0.24
N THR C 566 -16.78 29.64 -0.11
CA THR C 566 -15.57 30.18 0.48
C THR C 566 -15.33 31.62 0.00
N PRO C 567 -15.29 32.58 0.94
CA PRO C 567 -15.08 34.02 0.68
C PRO C 567 -13.73 34.42 0.07
N ASN C 568 -13.78 35.45 -0.76
CA ASN C 568 -12.61 36.05 -1.40
C ASN C 568 -11.56 35.12 -2.00
N LEU C 569 -11.85 34.57 -3.17
CA LEU C 569 -10.91 33.69 -3.85
C LEU C 569 -10.93 34.00 -5.33
N GLY C 570 -9.84 33.69 -6.01
CA GLY C 570 -9.76 33.95 -7.43
C GLY C 570 -8.40 34.45 -7.87
N TYR C 571 -7.49 33.53 -8.14
CA TYR C 571 -6.15 33.87 -8.59
C TYR C 571 -6.18 33.88 -10.10
N SER C 572 -5.27 34.64 -10.70
CA SER C 572 -5.19 34.70 -12.15
C SER C 572 -3.77 34.43 -12.66
N PHE C 573 -3.64 33.52 -13.62
CA PHE C 573 -2.33 33.22 -14.18
C PHE C 573 -1.84 34.37 -15.05
N GLU C 574 -2.76 35.28 -15.36
CA GLU C 574 -2.42 36.48 -16.09
C GLU C 574 -2.67 37.51 -15.01
N THR C 575 -1.68 38.33 -14.72
CA THR C 575 -1.72 39.36 -13.67
C THR C 575 -1.21 38.79 -12.38
N ASN C 576 -0.92 37.49 -12.38
CA ASN C 576 -0.38 36.80 -11.21
C ASN C 576 -0.77 37.52 -9.92
N SER C 577 -2.08 37.59 -9.66
CA SER C 577 -2.61 38.25 -8.47
C SER C 577 -3.96 37.66 -8.09
N GLY C 578 -4.40 37.95 -6.86
CA GLY C 578 -5.67 37.43 -6.38
C GLY C 578 -5.52 36.12 -5.62
N ASN C 579 -6.08 36.06 -4.41
CA ASN C 579 -6.03 34.88 -3.55
C ASN C 579 -6.27 33.55 -4.24
N ALA C 580 -5.41 32.57 -3.95
CA ALA C 580 -5.54 31.25 -4.52
C ALA C 580 -6.06 30.30 -3.43
N PHE C 581 -5.81 30.66 -2.17
CA PHE C 581 -6.23 29.84 -1.05
C PHE C 581 -6.90 30.70 0.01
N HIS C 582 -7.59 30.08 0.96
CA HIS C 582 -8.27 30.83 2.01
C HIS C 582 -7.32 31.04 3.18
N TYR C 583 -6.28 30.20 3.22
CA TYR C 583 -5.27 30.26 4.25
C TYR C 583 -4.30 29.14 3.98
N PHE C 584 -3.36 28.93 4.90
CA PHE C 584 -2.38 27.87 4.76
C PHE C 584 -2.26 27.08 6.05
N THR C 585 -1.86 25.82 5.91
CA THR C 585 -1.63 24.94 7.05
C THR C 585 -0.12 24.74 7.15
N TYR C 586 0.43 24.83 8.35
CA TYR C 586 1.87 24.66 8.49
C TYR C 586 2.28 23.54 9.43
N GLY C 587 3.46 22.98 9.15
CA GLY C 587 4.00 21.91 9.96
C GLY C 587 5.52 21.85 9.79
N VAL C 588 6.17 21.08 10.67
CA VAL C 588 7.61 20.90 10.64
C VAL C 588 7.95 19.54 11.23
N ALA C 589 8.75 18.76 10.51
CA ALA C 589 9.12 17.44 11.01
C ALA C 589 10.62 17.23 11.07
N CYS C 590 11.06 16.48 12.07
CA CYS C 590 12.47 16.16 12.24
C CYS C 590 12.60 14.64 12.22
N SER C 591 13.44 14.11 11.36
CA SER C 591 13.61 12.67 11.27
C SER C 591 15.06 12.19 11.22
N GLU C 592 15.34 11.14 11.98
CA GLU C 592 16.66 10.54 12.05
C GLU C 592 16.60 9.12 11.49
N VAL C 593 17.60 8.76 10.70
CA VAL C 593 17.66 7.41 10.15
C VAL C 593 19.06 6.86 10.38
N GLU C 594 19.23 5.59 10.03
CA GLU C 594 20.51 4.93 10.11
C GLU C 594 20.53 3.99 8.93
N ILE C 595 21.30 4.34 7.91
CA ILE C 595 21.38 3.49 6.72
C ILE C 595 22.43 2.41 6.90
N ASP C 596 22.43 1.49 5.95
CA ASP C 596 23.37 0.38 5.94
C ASP C 596 24.05 0.51 4.59
N CYS C 597 25.28 0.99 4.63
CA CYS C 597 26.06 1.23 3.42
C CYS C 597 26.40 0.00 2.60
N LEU C 598 26.18 -1.17 3.17
CA LEU C 598 26.47 -2.43 2.46
C LEU C 598 25.26 -3.05 1.78
N THR C 599 24.06 -2.81 2.31
CA THR C 599 22.84 -3.39 1.75
C THR C 599 21.87 -2.40 1.12
N GLY C 600 21.95 -1.14 1.52
CA GLY C 600 21.06 -0.13 0.98
C GLY C 600 19.82 0.01 1.84
N ASP C 601 19.70 -0.85 2.84
CA ASP C 601 18.57 -0.81 3.76
C ASP C 601 18.83 0.21 4.86
N HIS C 602 17.79 0.60 5.59
CA HIS C 602 17.95 1.58 6.65
C HIS C 602 16.85 1.46 7.70
N LYS C 603 17.04 2.18 8.80
CA LYS C 603 16.07 2.19 9.88
C LYS C 603 15.58 3.62 10.07
N ASN C 604 14.35 3.76 10.56
CA ASN C 604 13.80 5.06 10.84
C ASN C 604 13.80 5.11 12.35
N LEU C 605 14.91 5.60 12.89
CA LEU C 605 15.09 5.68 14.33
C LEU C 605 14.06 6.52 15.07
N ARG C 606 13.91 7.78 14.68
CA ARG C 606 12.99 8.67 15.36
C ARG C 606 12.43 9.75 14.43
N THR C 607 11.28 10.29 14.83
CA THR C 607 10.60 11.33 14.07
C THR C 607 9.72 12.19 14.99
N ASP C 608 9.91 13.50 14.93
CA ASP C 608 9.15 14.45 15.73
C ASP C 608 8.39 15.42 14.81
N ILE C 609 7.06 15.43 14.93
CA ILE C 609 6.24 16.30 14.11
C ILE C 609 5.45 17.32 14.91
N VAL C 610 5.42 18.54 14.37
CA VAL C 610 4.66 19.62 14.98
C VAL C 610 3.82 20.25 13.87
N MET C 611 2.52 20.04 13.95
CA MET C 611 1.58 20.57 12.96
C MET C 611 0.73 21.67 13.54
N ASP C 612 0.38 22.62 12.69
CA ASP C 612 -0.47 23.73 13.08
C ASP C 612 -1.84 23.48 12.46
N VAL C 613 -2.72 22.84 13.23
CA VAL C 613 -4.07 22.54 12.76
C VAL C 613 -5.07 23.49 13.45
N GLY C 614 -4.54 24.60 13.97
CA GLY C 614 -5.36 25.58 14.66
C GLY C 614 -6.02 24.92 15.85
N SER C 615 -7.21 25.38 16.20
CA SER C 615 -7.94 24.79 17.32
C SER C 615 -8.68 23.60 16.72
N SER C 616 -8.12 22.41 16.91
CA SER C 616 -8.68 21.17 16.40
C SER C 616 -10.10 20.83 16.87
N LEU C 617 -10.95 20.41 15.94
CA LEU C 617 -12.32 20.02 16.29
C LEU C 617 -12.25 18.70 17.04
N ASN C 618 -11.26 17.89 16.67
CA ASN C 618 -11.04 16.58 17.27
C ASN C 618 -9.54 16.30 17.16
N PRO C 619 -8.80 16.46 18.27
CA PRO C 619 -7.35 16.21 18.26
C PRO C 619 -6.91 14.76 18.01
N ALA C 620 -7.76 13.80 18.36
CA ALA C 620 -7.42 12.39 18.12
C ALA C 620 -7.48 12.15 16.62
N ILE C 621 -8.53 12.67 15.97
CA ILE C 621 -8.66 12.49 14.53
C ILE C 621 -7.54 13.21 13.79
N ASP C 622 -7.23 14.42 14.23
CA ASP C 622 -6.19 15.21 13.58
C ASP C 622 -4.78 14.66 13.72
N ILE C 623 -4.47 14.07 14.87
CA ILE C 623 -3.15 13.49 15.03
C ILE C 623 -3.10 12.26 14.10
N GLY C 624 -4.21 11.53 14.00
CA GLY C 624 -4.25 10.38 13.13
C GLY C 624 -4.03 10.76 11.68
N GLN C 625 -4.54 11.92 11.27
CA GLN C 625 -4.36 12.37 9.89
C GLN C 625 -2.90 12.70 9.66
N VAL C 626 -2.30 13.36 10.65
CA VAL C 626 -0.90 13.75 10.56
C VAL C 626 -0.02 12.52 10.40
N GLU C 627 -0.23 11.55 11.28
CA GLU C 627 0.54 10.31 11.25
C GLU C 627 0.38 9.55 9.93
N GLY C 628 -0.87 9.29 9.55
CA GLY C 628 -1.14 8.58 8.30
C GLY C 628 -0.72 9.32 7.05
N ALA C 629 -0.78 10.64 7.08
CA ALA C 629 -0.36 11.41 5.92
C ALA C 629 1.16 11.22 5.85
N PHE C 630 1.82 11.46 6.98
CA PHE C 630 3.26 11.31 7.08
C PHE C 630 3.74 9.94 6.61
N VAL C 631 3.00 8.88 6.95
CA VAL C 631 3.43 7.55 6.55
C VAL C 631 3.30 7.34 5.05
N GLN C 632 2.25 7.89 4.45
CA GLN C 632 2.13 7.78 3.01
C GLN C 632 3.27 8.57 2.38
N GLY C 633 3.70 9.63 3.06
CA GLY C 633 4.79 10.44 2.57
C GLY C 633 6.07 9.63 2.61
N LEU C 634 6.37 9.10 3.78
CA LEU C 634 7.55 8.28 3.97
C LEU C 634 7.51 7.15 2.95
N GLY C 635 6.30 6.71 2.62
CA GLY C 635 6.18 5.65 1.64
C GLY C 635 6.60 6.14 0.27
N LEU C 636 5.98 7.23 -0.16
CA LEU C 636 6.24 7.85 -1.46
C LEU C 636 7.71 8.16 -1.68
N PHE C 637 8.38 8.66 -0.66
CA PHE C 637 9.80 9.04 -0.75
C PHE C 637 10.85 7.94 -0.52
N THR C 638 10.51 6.86 0.18
CA THR C 638 11.51 5.84 0.46
C THR C 638 11.18 4.37 0.20
N LEU C 639 9.92 4.05 -0.06
CA LEU C 639 9.54 2.66 -0.25
C LEU C 639 8.79 2.29 -1.52
N GLU C 640 7.74 3.04 -1.81
CA GLU C 640 6.90 2.74 -2.95
C GLU C 640 7.49 3.07 -4.31
N GLU C 641 7.60 2.04 -5.14
CA GLU C 641 8.16 2.21 -6.46
C GLU C 641 7.36 1.45 -7.51
N LEU C 642 6.88 2.17 -8.51
CA LEU C 642 6.12 1.57 -9.60
C LEU C 642 7.11 1.31 -10.74
N HIS C 643 6.98 0.15 -11.37
CA HIS C 643 7.88 -0.21 -12.45
C HIS C 643 7.12 -0.79 -13.63
N TYR C 644 7.42 -0.28 -14.83
CA TYR C 644 6.77 -0.73 -16.05
C TYR C 644 7.80 -1.29 -17.02
N SER C 645 7.35 -2.15 -17.93
CA SER C 645 8.25 -2.70 -18.93
C SER C 645 8.42 -1.59 -19.97
N PRO C 646 9.50 -1.64 -20.77
CA PRO C 646 9.71 -0.58 -21.77
C PRO C 646 8.48 -0.35 -22.64
N GLU C 647 7.68 -1.40 -22.81
CA GLU C 647 6.46 -1.35 -23.61
C GLU C 647 5.31 -0.61 -22.90
N GLY C 648 5.62 -0.04 -21.74
CA GLY C 648 4.62 0.69 -20.96
C GLY C 648 3.68 -0.19 -20.16
N SER C 649 4.09 -1.43 -19.90
CA SER C 649 3.26 -2.36 -19.14
C SER C 649 3.77 -2.54 -17.71
N LEU C 650 2.98 -2.08 -16.74
CA LEU C 650 3.30 -2.16 -15.32
C LEU C 650 3.59 -3.58 -14.83
N HIS C 651 4.65 -3.74 -14.05
CA HIS C 651 5.04 -5.04 -13.51
C HIS C 651 4.67 -5.20 -12.04
N THR C 652 4.75 -4.11 -11.29
CA THR C 652 4.43 -4.10 -9.87
C THR C 652 2.92 -3.94 -9.67
N ARG C 653 2.20 -5.06 -9.68
CA ARG C 653 0.75 -5.04 -9.54
C ARG C 653 0.22 -5.75 -8.29
N GLY C 654 0.83 -5.49 -7.15
CA GLY C 654 0.36 -6.14 -5.93
C GLY C 654 1.29 -5.86 -4.79
N PRO C 655 0.91 -6.20 -3.54
CA PRO C 655 1.72 -5.98 -2.33
C PRO C 655 3.06 -6.72 -2.33
N SER C 656 3.20 -7.72 -3.20
CA SER C 656 4.42 -8.49 -3.29
C SER C 656 5.53 -7.73 -4.00
N THR C 657 5.14 -6.89 -4.97
CA THR C 657 6.13 -6.15 -5.75
C THR C 657 6.11 -4.64 -5.57
N TYR C 658 5.12 -4.15 -4.83
CA TYR C 658 4.98 -2.72 -4.53
C TYR C 658 4.84 -2.69 -3.02
N LYS C 659 5.82 -2.13 -2.33
CA LYS C 659 5.78 -2.12 -0.88
C LYS C 659 5.35 -0.82 -0.21
N ILE C 660 4.16 -0.79 0.35
CA ILE C 660 3.70 0.40 1.04
C ILE C 660 4.23 0.16 2.45
N PRO C 661 4.27 1.20 3.27
CA PRO C 661 4.77 1.05 4.64
C PRO C 661 4.04 -0.02 5.44
N ALA C 662 4.80 -0.78 6.24
CA ALA C 662 4.24 -1.83 7.10
C ALA C 662 4.42 -1.41 8.54
N PHE C 663 3.88 -2.22 9.45
CA PHE C 663 3.99 -1.92 10.88
C PHE C 663 5.41 -1.56 11.29
N GLY C 664 6.37 -2.37 10.87
CA GLY C 664 7.75 -2.14 11.22
C GLY C 664 8.47 -1.09 10.39
N SER C 665 7.73 -0.39 9.54
CA SER C 665 8.33 0.66 8.71
C SER C 665 8.37 2.00 9.44
N ILE C 666 7.44 2.22 10.37
CA ILE C 666 7.39 3.48 11.10
C ILE C 666 8.55 3.71 12.05
N PRO C 667 8.91 4.99 12.28
CA PRO C 667 10.02 5.32 13.19
C PRO C 667 9.80 4.81 14.59
N THR C 668 10.83 4.20 15.14
CA THR C 668 10.80 3.63 16.49
C THR C 668 10.22 4.63 17.46
N GLU C 669 10.72 5.86 17.39
CA GLU C 669 10.23 6.94 18.24
C GLU C 669 9.39 7.81 17.32
N PHE C 670 8.07 7.75 17.48
CA PHE C 670 7.16 8.51 16.63
C PHE C 670 6.28 9.44 17.47
N ARG C 671 6.65 10.71 17.53
CA ARG C 671 5.90 11.68 18.32
C ARG C 671 5.25 12.75 17.45
N VAL C 672 3.97 13.02 17.71
CA VAL C 672 3.25 14.05 16.97
C VAL C 672 2.64 15.04 17.95
N SER C 673 2.79 16.33 17.65
CA SER C 673 2.26 17.40 18.50
C SER C 673 1.53 18.46 17.71
N LEU C 674 0.37 18.87 18.20
CA LEU C 674 -0.41 19.91 17.54
C LEU C 674 -0.11 21.27 18.21
N LEU C 675 0.37 22.22 17.41
CA LEU C 675 0.69 23.57 17.92
C LEU C 675 -0.43 24.07 18.81
N ARG C 676 -0.06 24.72 19.92
CA ARG C 676 -1.06 25.22 20.86
C ARG C 676 -1.30 26.72 20.75
N ASP C 677 -2.54 27.14 20.97
CA ASP C 677 -2.93 28.55 20.90
C ASP C 677 -2.63 29.19 19.54
N CYS C 678 -3.17 28.61 18.48
CA CYS C 678 -2.98 29.15 17.13
C CYS C 678 -4.27 29.07 16.32
N PRO C 679 -5.39 29.51 16.92
CA PRO C 679 -6.70 29.50 16.26
C PRO C 679 -6.71 30.05 14.84
N ASN C 680 -7.57 29.48 13.99
CA ASN C 680 -7.70 29.90 12.60
C ASN C 680 -9.07 30.55 12.40
N LYS C 681 -9.07 31.88 12.37
CA LYS C 681 -10.30 32.65 12.20
C LYS C 681 -11.00 32.34 10.87
N LYS C 682 -10.21 31.93 9.88
CA LYS C 682 -10.72 31.61 8.55
C LYS C 682 -11.58 30.35 8.40
N ALA C 683 -11.63 29.50 9.43
CA ALA C 683 -12.42 28.27 9.33
C ALA C 683 -13.24 27.88 10.56
N ILE C 684 -14.31 27.13 10.31
CA ILE C 684 -15.25 26.66 11.33
C ILE C 684 -14.56 26.42 12.68
N TYR C 685 -15.13 27.02 13.73
CA TYR C 685 -14.62 26.93 15.09
C TYR C 685 -13.10 27.09 15.22
N ALA C 686 -12.51 27.82 14.28
CA ALA C 686 -11.08 28.07 14.28
C ALA C 686 -10.23 26.83 14.03
N SER C 687 -10.77 25.90 13.23
CA SER C 687 -10.06 24.68 12.90
C SER C 687 -9.24 24.91 11.62
N LYS C 688 -8.52 23.88 11.18
CA LYS C 688 -7.71 23.98 9.97
C LYS C 688 -7.66 22.67 9.19
N ALA C 689 -7.68 22.76 7.87
CA ALA C 689 -7.63 21.57 7.04
C ALA C 689 -6.38 20.81 7.48
N VAL C 690 -6.48 19.49 7.51
CA VAL C 690 -5.36 18.68 7.96
C VAL C 690 -5.11 17.46 7.10
N GLY C 691 -6.06 17.16 6.22
CA GLY C 691 -5.96 15.98 5.38
C GLY C 691 -4.71 15.75 4.56
N GLU C 692 -4.30 16.77 3.79
CA GLU C 692 -3.12 16.66 2.92
C GLU C 692 -1.81 17.30 3.36
N PRO C 693 -1.87 18.47 4.03
CA PRO C 693 -0.67 19.17 4.49
C PRO C 693 0.47 18.39 5.15
N PRO C 694 0.15 17.42 6.03
CA PRO C 694 1.23 16.66 6.68
C PRO C 694 1.98 15.66 5.83
N LEU C 695 1.45 15.32 4.66
CA LEU C 695 2.11 14.32 3.83
C LEU C 695 3.51 14.65 3.36
N PHE C 696 3.81 15.92 3.13
CA PHE C 696 5.14 16.24 2.64
C PHE C 696 6.20 16.04 3.71
N LEU C 697 5.84 16.27 4.97
CA LEU C 697 6.79 16.10 6.05
C LEU C 697 7.46 14.73 6.00
N GLY C 698 6.82 13.79 5.30
CA GLY C 698 7.40 12.47 5.16
C GLY C 698 8.78 12.59 4.52
N ALA C 699 8.98 13.68 3.78
CA ALA C 699 10.24 13.94 3.10
C ALA C 699 11.40 14.09 4.08
N SER C 700 11.10 14.47 5.31
CA SER C 700 12.13 14.64 6.32
C SER C 700 12.92 13.35 6.47
N VAL C 701 12.30 12.22 6.11
CA VAL C 701 12.98 10.92 6.19
C VAL C 701 13.89 10.80 4.98
N PHE C 702 13.36 11.20 3.83
CA PHE C 702 14.13 11.15 2.60
C PHE C 702 15.44 11.92 2.71
N PHE C 703 15.37 13.14 3.22
CA PHE C 703 16.58 13.95 3.35
C PHE C 703 17.54 13.56 4.46
N ALA C 704 17.04 12.87 5.48
CA ALA C 704 17.92 12.40 6.55
C ALA C 704 18.72 11.29 5.88
N ILE C 705 18.04 10.48 5.10
CA ILE C 705 18.67 9.39 4.39
C ILE C 705 19.79 9.91 3.51
N LYS C 706 19.52 11.02 2.83
CA LYS C 706 20.49 11.63 1.95
C LYS C 706 21.65 12.17 2.81
N ASP C 707 21.30 12.62 4.01
CA ASP C 707 22.28 13.14 4.95
C ASP C 707 23.30 12.05 5.21
N ALA C 708 22.81 10.87 5.55
CA ALA C 708 23.65 9.72 5.84
C ALA C 708 24.46 9.25 4.63
N ILE C 709 23.81 9.17 3.48
CA ILE C 709 24.51 8.74 2.26
C ILE C 709 25.73 9.62 2.04
N ARG C 710 25.57 10.92 2.31
CA ARG C 710 26.66 11.87 2.14
C ARG C 710 27.82 11.55 3.07
N ALA C 711 27.51 11.22 4.33
CA ALA C 711 28.54 10.87 5.29
C ALA C 711 29.22 9.58 4.87
N ALA C 712 28.50 8.76 4.12
CA ALA C 712 29.03 7.49 3.64
C ALA C 712 29.95 7.73 2.46
N ARG C 713 29.67 8.80 1.72
CA ARG C 713 30.48 9.14 0.56
C ARG C 713 31.80 9.70 1.06
N ALA C 714 31.73 10.76 1.86
CA ALA C 714 32.94 11.38 2.41
C ALA C 714 33.84 10.27 2.95
N GLN C 715 33.20 9.21 3.42
CA GLN C 715 33.86 8.04 3.99
C GLN C 715 34.74 7.28 2.98
N HIS C 716 34.13 6.28 2.33
CA HIS C 716 34.83 5.43 1.38
C HIS C 716 35.02 5.98 -0.03
N THR C 717 34.47 7.14 -0.32
CA THR C 717 34.61 7.71 -1.66
C THR C 717 35.61 8.88 -1.72
N ASN C 718 35.35 9.79 -2.66
CA ASN C 718 36.20 10.97 -2.85
C ASN C 718 36.26 11.83 -1.58
N ASN C 719 36.65 13.09 -1.75
CA ASN C 719 36.75 14.01 -0.63
C ASN C 719 36.22 15.40 -0.99
N ASN C 720 35.06 15.43 -1.66
CA ASN C 720 34.43 16.68 -2.07
C ASN C 720 33.39 17.15 -1.07
N THR C 721 33.78 18.11 -0.23
CA THR C 721 32.89 18.67 0.80
C THR C 721 31.63 19.25 0.20
N LYS C 722 31.80 20.15 -0.78
CA LYS C 722 30.67 20.81 -1.43
C LYS C 722 30.24 20.13 -2.72
N GLU C 723 30.37 18.81 -2.79
CA GLU C 723 29.96 18.06 -3.97
C GLU C 723 28.45 17.85 -3.92
N LEU C 724 27.84 17.72 -5.09
CA LEU C 724 26.40 17.51 -5.17
C LEU C 724 26.05 16.32 -6.04
N PHE C 725 25.62 15.23 -5.41
CA PHE C 725 25.22 14.03 -6.14
C PHE C 725 23.69 14.00 -6.19
N ARG C 726 23.15 13.54 -7.31
CA ARG C 726 21.71 13.48 -7.49
C ARG C 726 21.08 12.19 -6.96
N LEU C 727 20.00 12.37 -6.19
CA LEU C 727 19.25 11.26 -5.61
C LEU C 727 17.76 11.52 -5.83
N ASP C 728 17.17 10.78 -6.78
CA ASP C 728 15.75 10.93 -7.09
C ASP C 728 14.88 10.23 -6.06
N SER C 729 13.57 10.29 -6.28
CA SER C 729 12.61 9.65 -5.40
C SER C 729 11.88 8.58 -6.19
N PRO C 730 11.56 7.44 -5.54
CA PRO C 730 11.85 7.13 -4.14
C PRO C 730 13.28 6.66 -3.88
N ALA C 731 13.79 6.97 -2.69
CA ALA C 731 15.13 6.55 -2.29
C ALA C 731 15.09 5.10 -1.81
N THR C 732 14.93 4.18 -2.76
CA THR C 732 14.87 2.75 -2.47
C THR C 732 16.21 2.18 -2.07
N PRO C 733 16.23 0.94 -1.54
CA PRO C 733 17.48 0.29 -1.12
C PRO C 733 18.50 0.34 -2.23
N GLU C 734 18.03 0.21 -3.47
CA GLU C 734 18.89 0.24 -4.63
C GLU C 734 19.60 1.57 -4.75
N LYS C 735 18.82 2.65 -4.81
CA LYS C 735 19.39 3.98 -4.95
C LYS C 735 20.33 4.34 -3.81
N ILE C 736 20.01 3.90 -2.60
CA ILE C 736 20.86 4.21 -1.44
C ILE C 736 22.21 3.51 -1.55
N ARG C 737 22.17 2.20 -1.78
CA ARG C 737 23.39 1.41 -1.90
C ARG C 737 24.23 1.93 -3.05
N ASN C 738 23.65 2.03 -4.24
CA ASN C 738 24.39 2.52 -5.39
C ASN C 738 24.99 3.89 -5.14
N ALA C 739 24.47 4.61 -4.15
CA ALA C 739 24.99 5.92 -3.82
C ALA C 739 26.15 5.78 -2.86
N CYS C 740 26.18 4.67 -2.13
CA CYS C 740 27.26 4.41 -1.19
C CYS C 740 28.41 3.78 -1.97
N VAL C 741 29.16 4.63 -2.66
CA VAL C 741 30.29 4.20 -3.47
C VAL C 741 31.44 3.70 -2.60
N ASP C 742 31.98 2.54 -2.95
CA ASP C 742 33.09 1.96 -2.20
C ASP C 742 33.89 0.99 -3.06
N LYS C 743 34.71 0.17 -2.41
CA LYS C 743 35.55 -0.79 -3.11
C LYS C 743 34.77 -2.00 -3.61
N PHE C 744 33.45 -1.92 -3.60
CA PHE C 744 32.61 -3.02 -4.10
C PHE C 744 31.77 -2.55 -5.28
N THR C 745 31.26 -1.33 -5.19
CA THR C 745 30.45 -0.74 -6.27
C THR C 745 31.38 -0.36 -7.42
N THR C 746 32.67 -0.65 -7.23
CA THR C 746 33.68 -0.35 -8.24
C THR C 746 34.63 -1.55 -8.36
FE1 FES D . -7.90 2.19 6.36
FE2 FES D . -6.43 0.62 8.04
S1 FES D . -8.00 2.07 8.58
S2 FES D . -6.31 0.72 5.90
FE1 FES E . -5.85 -11.97 1.46
FE2 FES E . -4.76 -9.55 0.82
S1 FES E . -3.83 -11.20 1.94
S2 FES E . -6.73 -10.26 0.35
PA FAD F . 1.46 -25.12 -2.48
O1A FAD F . 0.82 -23.90 -3.12
O2A FAD F . 0.70 -26.25 -2.36
O5B FAD F . 2.45 -25.10 -3.71
C5B FAD F . 3.46 -26.00 -3.81
C4B FAD F . 4.18 -26.33 -5.22
O4B FAD F . 5.16 -27.45 -4.74
C3B FAD F . 3.42 -27.14 -6.35
O3B FAD F . 4.12 -27.17 -7.60
C2B FAD F . 3.21 -28.57 -5.67
O2B FAD F . 2.75 -29.57 -6.51
C1B FAD F . 4.57 -28.81 -5.08
N9A FAD F . 4.61 -29.57 -3.84
C8A FAD F . 4.02 -29.30 -2.60
N7A FAD F . 4.20 -30.10 -1.67
C5A FAD F . 4.95 -31.04 -2.21
C6A FAD F . 5.60 -32.40 -1.63
N6A FAD F . 5.48 -32.87 -0.41
N1A FAD F . 6.37 -33.15 -2.58
C2A FAD F . 6.57 -32.76 -3.99
N3A FAD F . 6.06 -31.59 -4.62
C4A FAD F . 5.24 -30.72 -3.68
N1 FAD F . 9.25 -17.65 -0.22
C2 FAD F . 10.54 -17.32 0.02
O2 FAD F . 11.39 -18.06 -0.23
N3 FAD F . 10.85 -15.98 0.57
C4 FAD F . 9.81 -15.03 0.91
O4 FAD F . 10.13 -14.05 1.33
C4X FAD F . 8.37 -15.38 0.71
N5 FAD F . 7.31 -14.51 0.98
C5X FAD F . 5.94 -14.76 0.65
C6 FAD F . 4.87 -13.70 0.91
C7 FAD F . 3.44 -13.97 0.55
C7M FAD F . 2.40 -12.92 0.81
C8 FAD F . 3.04 -15.36 -0.07
C8M FAD F . 1.61 -15.78 -0.46
C9 FAD F . 4.08 -16.33 -0.31
C9A FAD F . 5.53 -16.11 0.01
N10 FAD F . 6.79 -17.09 -0.24
C10 FAD F . 8.14 -16.76 0.07
C1' FAD F . 6.52 -18.35 -0.90
C2' FAD F . 5.98 -19.42 -0.02
O2' FAD F . 7.02 -19.69 0.92
C3' FAD F . 5.60 -20.63 -0.98
O3' FAD F . 4.50 -20.07 -1.78
C4' FAD F . 5.00 -21.78 -0.14
O4' FAD F . 5.88 -22.26 0.96
C5' FAD F . 4.58 -22.90 -1.05
O5' FAD F . 4.00 -23.95 -0.09
P FAD F . 2.61 -24.26 0.07
O1P FAD F . 2.40 -25.31 1.10
O2P FAD F . 1.76 -23.16 0.23
O3P FAD F . 2.43 -24.87 -1.19
N1 MTE G . -7.77 9.75 5.53
C2 MTE G . -8.23 8.40 5.46
N2 MTE G . -8.26 7.70 6.58
N3 MTE G . -8.62 7.90 4.24
C4 MTE G . -8.61 8.64 3.05
O4 MTE G . -8.95 8.17 1.92
N5 MTE G . -8.09 11.05 1.84
C6 MTE G . -7.05 12.22 1.97
C7 MTE G . -7.20 12.94 3.50
N8 MTE G . -7.23 11.98 4.63
C9 MTE G . -8.15 10.07 3.02
C10 MTE G . -7.67 10.64 4.51
C1' MTE G . -7.15 13.18 0.87
S1' MTE G . -6.39 12.76 -0.46
C2' MTE G . -8.00 14.42 1.11
S2' MTE G . -8.13 15.52 -0.18
C3' MTE G . -8.74 14.69 2.52
O3' MTE G . -8.51 13.62 3.51
C4' MTE G . -10.14 14.46 2.43
O4' MTE G . -11.02 15.30 3.19
P MTE G . -11.26 16.15 4.24
O1P MTE G . -11.46 17.30 3.26
O2P MTE G . -10.25 16.51 5.23
O3P MTE G . -12.36 16.03 4.92
MO MOS H . -7.39 14.54 -2.00
S MOS H . -8.98 13.78 -2.88
O1 MOS H . -7.56 16.54 -3.50
O2 MOS H . -6.40 13.69 -3.45
C1' SAL I . -6.86 21.39 -5.49
O1' SAL I . -6.58 22.55 -5.76
O2' SAL I . -6.21 20.91 -4.56
C1 SAL I . -7.85 20.63 -6.18
C2 SAL I . -8.62 21.14 -7.27
C3 SAL I . -9.58 20.37 -7.97
C4 SAL I . -9.79 19.05 -7.56
C5 SAL I . -9.07 18.47 -6.49
C6 SAL I . -8.10 19.28 -5.81
O2 SAL I . -8.46 22.41 -7.72
C1 GOL J . -0.55 14.19 -6.44
O1 GOL J . 0.66 15.06 -6.08
C2 GOL J . -1.36 14.28 -7.51
O2 GOL J . -2.50 14.67 -7.13
C3 GOL J . -0.86 14.00 -8.41
O3 GOL J . 0.06 13.61 -9.12
#